data_7EJA
#
_entry.id   7EJA
#
_cell.length_a   1.00
_cell.length_b   1.00
_cell.length_c   1.00
_cell.angle_alpha   90.00
_cell.angle_beta   90.00
_cell.angle_gamma   90.00
#
_symmetry.space_group_name_H-M   'P 1'
#
loop_
_entity.id
_entity.type
_entity.pdbx_description
1 polymer 'Guanine nucleotide-binding protein G(o) subunit alpha'
2 polymer 'Guanine nucleotide-binding protein G(I)/G(S)/G(T) subunit beta-1'
3 polymer 'Guanine nucleotide-binding protein G(I)/G(S)/G(O) subunit gamma-2'
4 polymer 'Alpha-2A adrenergic receptor'
5 polymer scFv16
6 non-polymer 4-[(1~{S})-1-(2,3-dimethylphenyl)ethyl]-1~{H}-imidazole
#
loop_
_entity_poly.entity_id
_entity_poly.type
_entity_poly.pdbx_seq_one_letter_code
_entity_poly.pdbx_strand_id
1 'polypeptide(L)'
;MGCTLSAEERAALERSKAIEKNLKEDGISAAKDVKLLLLGAGESGKSTIVKQMKIIHEDGFSGEDVKQYKPVVYSNTIQS
LAAIVRAMDTLGIEYGDKERKADAKMVCDVVSRMEDTEPFSAELLSAMMRLWGDSGIQECFNRSREYQLNDSAKYYLDSL
DRIGAADYQPTEQDILRTRVKTTGIVETHFTFKNLHFRLFDVGGQRSERKKWIHCFEDVTAIIFCVALSGYDQVLHEDET
TNRMHESLMLFDSICNNKFFIDTSIILFLNKKDLFGEKIKKSPLTICFPEYTGPNTYEDAAAYIQAQFESKNRSPNKEIY
CHMTCATDTNNIQVVFDAVTDIIIANNLRGCGLY
;
A
2 'polypeptide(L)'
;HHHHHHGSSGSELDQLRQEAEQLKNQIRDARKACADATLSQITNNIDPVGRIQMRTRRTLRGHLAKIYAMHWGTDSRLLV
SASQDGKLIIWDSYTTNKVHAIPLRSSWVMTCAYAPSGNYVACGGLDNICSIYNLKTREGNVRVSRELAGHTGYLSCCRF
LDDNQIVTSSGDTTCALWDIETGQQTTTFTGHTGDVMSLSLAPDTRLFVSGACDASAKLWDVREGMCRQTFTGHESDINA
ICFFPNGNAFATGSDDATCRLFDLRADQELMTYSHDNIICGITSVSFSKSGRLLLAGYDDFNCNVWDALKADRAGVLAGH
DNRVSCLGVTDDGMAVATGSWDSFLKIWN
;
B
3 'polypeptide(L)' MASNNTASIAQARKLVEQLKMEANIDRIKVSKAAADLMAYCEAHAKEDPLLTPVPASENPFREKKFFCAIL G
4 'polypeptide(L)'
;MFRQEQPLAEGSFAPMGSLQPDAGNASWNGTEAPGGGARATPYSLQVTLTLVCLAGLLMLLTVFGNVLVIIAVFTSRALK
APQNLFLVSLASADILVATLVIPFSLANEVMGYWYFGKAWCEIYLALDVLFCTSSIVHLCAISLDRYWSITQAIEYNLKR
TPRRIKAIIITVWVISAVISFPPLISIEKKGGGGGPQPAEPRCEINDQKWYVISSCIGSFFAPCLIMILVYVRIYQIAKR
RTRVPPSRRGPDAVAAPPGGTERRPNGLGPERSAGPGGAEAEPLPTQLNGAPGEPAPAGPRDTDALDLEESSSSDHAERP
PGPRRPERGPRGKGKARASQVKPGDSLPRRGPGATGIGTPAAGPGEERVGAAKASRWRGRQNREKRFTFVLAVVIGVFVV
CWFPFFFTYTLTAVGCSVPRTLFKFFFWFGYCNSSLNPVIYTIFNHDFRRAFKKILCRGDRKRIV
;
R
5 'polypeptide(L)'
;MLLVNQSHQGFNKEHTSKMVSAIVLYVLLAAAAHSAFADVQLVESGGGLVQPGGSRKLSCSASGFAFSSFGMHWVRQAPE
KGLEWVAYISSGSGTIYYADTVKGRFTISRDDPKNTLFLQMTSLRSEDTAMYYCVRSIYYYGSSPFDFWGQGTTLTVSSG
GGGSGGGGSGGGGSDIVMTQATSSVPVTPGESVSISCRSSKSLLHSNGNTYLYWFLQRPGQSPQLLIYRMSNLASGVPDR
FSGSGSGTAFTLTISRLEAEDVGVYYCMQHLEYPLTFGAGTKLELKGSLEVLFQGPAAAHHHHHHHH
;
H
#
# COMPACT_ATOMS: atom_id res chain seq x y z
N LEU A 5 -0.25 -22.41 12.52
CA LEU A 5 -0.21 -23.20 13.74
C LEU A 5 -1.43 -24.09 13.86
N SER A 6 -2.37 -23.94 12.92
CA SER A 6 -3.58 -24.73 12.92
C SER A 6 -3.64 -25.19 11.49
N ALA A 7 -4.40 -26.23 11.20
CA ALA A 7 -4.38 -26.68 9.81
C ALA A 7 -4.65 -25.67 8.69
N GLU A 8 -5.76 -24.94 8.79
CA GLU A 8 -6.29 -24.29 7.59
C GLU A 8 -5.84 -22.83 7.52
N GLU A 9 -5.62 -22.16 8.65
CA GLU A 9 -5.09 -20.81 8.48
C GLU A 9 -3.65 -20.84 8.01
N ARG A 10 -3.04 -22.03 8.01
CA ARG A 10 -1.72 -22.25 7.42
C ARG A 10 -1.87 -22.04 5.90
N ALA A 11 -2.93 -22.63 5.32
CA ALA A 11 -3.28 -22.44 3.92
C ALA A 11 -3.68 -21.00 3.65
N ALA A 12 -4.43 -20.41 4.58
CA ALA A 12 -4.82 -19.01 4.42
C ALA A 12 -3.60 -18.10 4.34
N LEU A 13 -2.63 -18.31 5.23
CA LEU A 13 -1.42 -17.51 5.24
C LEU A 13 -0.56 -17.72 4.00
N GLU A 14 -0.44 -18.95 3.51
CA GLU A 14 0.32 -19.12 2.27
C GLU A 14 -0.41 -18.49 1.08
N ARG A 15 -1.74 -18.52 1.08
CA ARG A 15 -2.49 -17.76 0.09
C ARG A 15 -2.16 -16.28 0.19
N SER A 16 -2.07 -15.76 1.41
CA SER A 16 -1.74 -14.35 1.63
C SER A 16 -0.35 -14.04 1.08
N LYS A 17 0.61 -14.93 1.32
CA LYS A 17 1.95 -14.70 0.79
C LYS A 17 1.96 -14.72 -0.74
N ALA A 18 1.21 -15.64 -1.34
CA ALA A 18 1.13 -15.67 -2.80
C ALA A 18 0.51 -14.38 -3.34
N ILE A 19 -0.52 -13.89 -2.65
CA ILE A 19 -1.14 -12.62 -3.05
C ILE A 19 -0.13 -11.49 -2.95
N GLU A 20 0.64 -11.47 -1.87
CA GLU A 20 1.64 -10.41 -1.71
C GLU A 20 2.68 -10.46 -2.81
N LYS A 21 3.14 -11.68 -3.15
CA LYS A 21 4.13 -11.82 -4.21
C LYS A 21 3.58 -11.34 -5.55
N ASN A 22 2.35 -11.73 -5.87
CA ASN A 22 1.73 -11.28 -7.11
C ASN A 22 1.60 -9.76 -7.12
N LEU A 23 1.19 -9.18 -5.99
CA LEU A 23 1.05 -7.74 -5.90
C LEU A 23 2.37 -7.03 -6.11
N LYS A 24 3.44 -7.53 -5.49
CA LYS A 24 4.75 -6.90 -5.66
C LYS A 24 5.23 -7.00 -7.09
N GLU A 25 4.99 -8.15 -7.73
CA GLU A 25 5.37 -8.29 -9.14
C GLU A 25 4.61 -7.29 -10.01
N ASP A 26 3.30 -7.16 -9.78
CA ASP A 26 2.51 -6.21 -10.57
C ASP A 26 2.99 -4.78 -10.34
N GLY A 27 3.31 -4.44 -9.09
CA GLY A 27 3.79 -3.09 -8.81
C GLY A 27 5.12 -2.79 -9.46
N ILE A 28 6.07 -3.72 -9.37
CA ILE A 28 7.38 -3.49 -9.98
C ILE A 28 7.27 -3.45 -11.49
N SER A 29 6.29 -4.16 -12.07
CA SER A 29 6.08 -4.03 -13.50
C SER A 29 5.45 -2.70 -13.87
N ALA A 30 4.50 -2.23 -13.06
CA ALA A 30 3.74 -1.04 -13.42
C ALA A 30 4.56 0.23 -13.23
N ALA A 31 5.36 0.30 -12.16
CA ALA A 31 6.13 1.52 -11.91
C ALA A 31 7.28 1.71 -12.88
N LYS A 32 7.38 0.88 -13.90
CA LYS A 32 8.49 1.00 -14.80
C LYS A 32 8.41 2.09 -15.83
N ASP A 33 7.21 2.47 -16.19
CA ASP A 33 7.03 3.48 -17.22
C ASP A 33 7.18 4.88 -16.61
N VAL A 34 6.85 5.89 -17.40
CA VAL A 34 6.99 7.30 -17.02
C VAL A 34 5.64 7.99 -17.19
N LYS A 35 5.33 8.98 -16.36
CA LYS A 35 4.03 9.72 -16.42
C LYS A 35 4.07 11.24 -16.61
N LEU A 36 3.51 11.75 -17.71
CA LEU A 36 3.47 13.19 -17.95
C LEU A 36 2.02 13.69 -17.95
N LEU A 37 1.76 14.75 -17.20
CA LEU A 37 0.43 15.30 -17.11
C LEU A 37 0.37 16.67 -17.79
N LEU A 38 -0.58 16.82 -18.71
CA LEU A 38 -0.75 18.08 -19.42
C LEU A 38 -2.10 18.69 -19.10
N LEU A 39 -2.09 19.95 -18.72
CA LEU A 39 -3.30 20.66 -18.38
C LEU A 39 -3.33 21.98 -19.12
N GLY A 40 -3.55 21.92 -20.43
CA GLY A 40 -3.59 23.11 -21.25
C GLY A 40 -4.74 24.00 -20.81
N ALA A 41 -4.49 25.31 -20.76
CA ALA A 41 -5.51 26.26 -20.37
C ALA A 41 -6.22 26.83 -21.58
N GLY A 42 -7.43 27.36 -21.34
CA GLY A 42 -8.17 28.01 -22.39
C GLY A 42 -8.56 27.04 -23.50
N GLU A 43 -8.51 27.54 -24.73
CA GLU A 43 -8.89 26.76 -25.90
C GLU A 43 -7.77 26.87 -26.93
N SER A 44 -7.97 26.19 -28.06
CA SER A 44 -7.01 26.19 -29.17
C SER A 44 -5.61 25.77 -28.71
N GLY A 45 -5.55 24.93 -27.70
CA GLY A 45 -4.29 24.48 -27.15
C GLY A 45 -4.03 23.01 -27.34
N LYS A 46 -4.33 22.23 -26.30
CA LYS A 46 -3.95 20.83 -26.22
C LYS A 46 -4.60 19.94 -27.26
N SER A 47 -5.62 20.44 -27.96
CA SER A 47 -6.28 19.61 -28.97
C SER A 47 -5.30 19.18 -30.06
N THR A 48 -4.48 20.12 -30.54
CA THR A 48 -3.51 19.78 -31.57
C THR A 48 -2.50 18.76 -31.06
N ILE A 49 -2.03 18.92 -29.82
CA ILE A 49 -1.04 18.00 -29.28
C ILE A 49 -1.61 16.60 -29.13
N VAL A 50 -2.82 16.50 -28.59
CA VAL A 50 -3.41 15.18 -28.39
C VAL A 50 -3.73 14.53 -29.73
N LYS A 51 -4.16 15.32 -30.72
CA LYS A 51 -4.33 14.79 -32.06
C LYS A 51 -3.01 14.31 -32.63
N GLN A 52 -1.92 14.97 -32.26
CA GLN A 52 -0.57 14.57 -32.68
C GLN A 52 -0.12 13.42 -31.78
N MET A 53 -0.74 12.26 -31.98
CA MET A 53 -0.37 11.05 -31.25
C MET A 53 0.54 10.13 -32.05
N LYS A 54 0.39 10.08 -33.36
CA LYS A 54 1.27 9.27 -34.20
C LYS A 54 2.21 10.16 -35.00
N LYS A 181 -19.38 6.84 -22.80
CA LYS A 181 -18.08 6.84 -22.16
C LYS A 181 -17.44 8.23 -22.23
N THR A 182 -18.07 9.21 -21.60
CA THR A 182 -17.59 10.58 -21.66
C THR A 182 -17.54 11.21 -20.27
N THR A 183 -17.26 12.51 -20.22
CA THR A 183 -17.25 13.29 -18.98
C THR A 183 -16.28 12.70 -17.95
N GLY A 184 -15.03 12.58 -18.37
CA GLY A 184 -14.00 12.00 -17.52
C GLY A 184 -12.61 12.25 -18.06
N ILE A 185 -11.60 12.06 -17.22
CA ILE A 185 -10.22 12.24 -17.64
C ILE A 185 -9.90 11.13 -18.64
N VAL A 186 -9.13 11.46 -19.67
CA VAL A 186 -8.75 10.48 -20.68
C VAL A 186 -7.26 10.24 -20.63
N GLU A 187 -6.83 8.99 -20.58
CA GLU A 187 -5.42 8.69 -20.50
C GLU A 187 -5.01 8.23 -21.88
N THR A 188 -3.85 8.68 -22.36
CA THR A 188 -3.33 8.29 -23.66
C THR A 188 -2.01 7.54 -23.44
N HIS A 189 -1.87 6.37 -24.07
CA HIS A 189 -0.67 5.59 -23.89
C HIS A 189 0.15 5.72 -25.15
N PHE A 190 1.46 5.98 -25.00
CA PHE A 190 2.44 6.20 -26.09
C PHE A 190 3.60 5.19 -26.11
N THR A 191 4.35 5.12 -27.22
CA THR A 191 5.42 4.12 -27.33
C THR A 191 6.56 4.74 -28.11
N PHE A 192 7.72 4.89 -27.48
CA PHE A 192 8.85 5.54 -28.14
C PHE A 192 10.14 5.03 -27.51
N LYS A 193 10.95 4.34 -28.30
CA LYS A 193 12.26 3.85 -27.89
C LYS A 193 12.17 3.07 -26.57
N ASN A 194 11.27 2.09 -26.55
CA ASN A 194 11.06 1.20 -25.41
C ASN A 194 10.58 1.95 -24.16
N LEU A 195 10.01 3.14 -24.34
CA LEU A 195 9.39 3.90 -23.26
C LEU A 195 7.96 4.21 -23.67
N HIS A 196 7.00 3.51 -23.08
CA HIS A 196 5.59 3.75 -23.35
C HIS A 196 5.15 4.80 -22.33
N PHE A 197 4.54 5.87 -22.80
CA PHE A 197 4.11 6.95 -21.91
C PHE A 197 2.64 7.06 -21.57
N ARG A 198 2.38 7.31 -20.29
CA ARG A 198 1.02 7.47 -19.79
C ARG A 198 0.73 8.95 -19.66
N LEU A 199 -0.09 9.47 -20.56
CA LEU A 199 -0.39 10.89 -20.64
C LEU A 199 -1.82 11.15 -20.20
N PHE A 200 -1.99 12.03 -19.21
CA PHE A 200 -3.29 12.34 -18.65
C PHE A 200 -3.61 13.80 -18.91
N ASP A 201 -4.79 14.07 -19.44
CA ASP A 201 -5.26 15.43 -19.70
C ASP A 201 -6.60 15.62 -19.02
N VAL A 202 -6.63 16.48 -18.01
CA VAL A 202 -7.89 16.80 -17.31
C VAL A 202 -8.53 17.94 -18.09
N GLY A 203 -9.22 17.57 -19.16
CA GLY A 203 -9.85 18.55 -20.02
C GLY A 203 -11.33 18.71 -19.75
N GLY A 204 -12.01 17.61 -19.48
CA GLY A 204 -13.42 17.64 -19.19
C GLY A 204 -13.77 17.96 -17.75
N GLN A 205 -12.77 18.19 -16.90
CA GLN A 205 -13.02 18.47 -15.49
C GLN A 205 -13.49 19.91 -15.35
N ARG A 206 -14.79 20.08 -15.14
CA ARG A 206 -15.37 21.41 -14.99
C ARG A 206 -15.29 21.93 -13.56
N SER A 207 -14.90 21.04 -12.64
CA SER A 207 -14.74 21.31 -11.21
C SER A 207 -13.45 22.07 -10.87
N GLU A 208 -13.39 22.60 -9.65
CA GLU A 208 -12.23 23.35 -9.19
C GLU A 208 -10.92 22.56 -9.14
N ARG A 209 -9.84 23.21 -9.55
CA ARG A 209 -8.50 22.60 -9.59
C ARG A 209 -7.84 22.19 -8.26
N LYS A 210 -7.99 22.99 -7.21
CA LYS A 210 -7.32 22.68 -5.94
C LYS A 210 -7.62 21.31 -5.34
N LYS A 211 -8.87 20.88 -5.39
CA LYS A 211 -9.24 19.56 -4.85
C LYS A 211 -8.76 18.28 -5.57
N TRP A 212 -8.90 18.23 -6.89
CA TRP A 212 -8.49 17.05 -7.66
C TRP A 212 -7.12 17.22 -8.32
N ILE A 213 -6.59 18.43 -8.28
CA ILE A 213 -5.30 18.76 -8.88
C ILE A 213 -4.11 18.06 -8.24
N HIS A 214 -4.16 17.91 -6.92
CA HIS A 214 -3.06 17.32 -6.14
C HIS A 214 -2.63 15.86 -6.41
N CYS A 215 -3.57 14.95 -6.65
CA CYS A 215 -3.15 13.56 -6.86
C CYS A 215 -1.97 13.30 -7.81
N PHE A 216 -1.79 14.15 -8.81
CA PHE A 216 -0.69 14.00 -9.75
C PHE A 216 0.71 14.23 -9.18
N GLU A 217 0.80 14.46 -7.88
CA GLU A 217 2.10 14.71 -7.27
C GLU A 217 3.41 14.06 -7.70
N ASP A 218 3.38 12.75 -7.93
CA ASP A 218 4.61 12.03 -8.27
C ASP A 218 4.55 11.81 -9.78
N VAL A 219 4.81 12.88 -10.52
CA VAL A 219 4.80 12.84 -11.98
C VAL A 219 6.05 13.54 -12.47
N THR A 220 6.72 12.93 -13.46
CA THR A 220 8.05 13.37 -13.84
C THR A 220 8.02 14.75 -14.47
N ALA A 221 7.16 14.96 -15.46
CA ALA A 221 7.15 16.21 -16.20
C ALA A 221 5.73 16.63 -16.52
N ILE A 222 5.50 17.92 -16.72
CA ILE A 222 4.18 18.51 -16.98
C ILE A 222 4.32 19.00 -18.36
N ILE A 223 3.22 19.31 -19.02
CA ILE A 223 3.25 19.81 -20.39
C ILE A 223 2.51 21.14 -20.44
N PHE A 224 3.06 22.18 -21.01
CA PHE A 224 2.23 23.36 -21.02
C PHE A 224 2.18 23.93 -22.41
N CYS A 225 0.95 24.15 -22.83
CA CYS A 225 0.55 24.55 -24.17
C CYS A 225 -0.19 25.88 -24.10
N VAL A 226 0.24 26.85 -24.90
CA VAL A 226 -0.39 28.16 -24.91
C VAL A 226 -0.36 28.79 -26.31
N ALA A 227 -1.31 29.67 -26.57
CA ALA A 227 -1.40 30.36 -27.84
C ALA A 227 -2.63 31.25 -27.82
N LEU A 228 -2.51 32.44 -28.39
CA LEU A 228 -1.28 32.92 -29.01
C LEU A 228 -0.57 33.93 -28.11
N ARG A 243 -5.09 41.54 -23.67
CA ARG A 243 -6.18 40.72 -24.22
C ARG A 243 -6.69 39.70 -23.23
N MET A 244 -6.59 38.43 -23.63
CA MET A 244 -7.07 37.32 -22.84
C MET A 244 -5.90 36.45 -22.39
N HIS A 245 -4.85 37.10 -21.88
CA HIS A 245 -3.63 36.42 -21.46
C HIS A 245 -3.61 36.14 -19.96
N GLU A 246 -4.75 35.80 -19.37
CA GLU A 246 -4.73 35.34 -17.98
C GLU A 246 -3.95 34.04 -17.84
N SER A 247 -3.71 33.33 -18.94
CA SER A 247 -2.83 32.17 -18.90
C SER A 247 -1.44 32.56 -18.41
N LEU A 248 -1.04 33.81 -18.63
CA LEU A 248 0.24 34.29 -18.12
C LEU A 248 0.31 34.14 -16.61
N MET A 249 -0.71 34.62 -15.90
CA MET A 249 -0.70 34.49 -14.44
C MET A 249 -1.04 33.07 -14.01
N LEU A 250 -1.82 32.35 -14.82
CA LEU A 250 -2.11 30.95 -14.51
C LEU A 250 -0.84 30.11 -14.50
N PHE A 251 0.10 30.42 -15.40
CA PHE A 251 1.38 29.72 -15.40
C PHE A 251 2.12 29.93 -14.09
N ASP A 252 2.12 31.16 -13.60
CA ASP A 252 2.75 31.48 -12.33
C ASP A 252 2.05 30.75 -11.19
N SER A 253 0.72 30.67 -11.25
CA SER A 253 -0.06 30.02 -10.22
C SER A 253 0.24 28.53 -10.16
N ILE A 254 0.34 27.86 -11.32
CA ILE A 254 0.64 26.44 -11.30
C ILE A 254 2.10 26.20 -10.93
N CYS A 255 3.01 27.09 -11.34
CA CYS A 255 4.42 26.89 -11.05
C CYS A 255 4.76 27.14 -9.59
N ASN A 256 3.93 27.87 -8.87
CA ASN A 256 4.15 28.15 -7.45
C ASN A 256 3.05 27.46 -6.64
N ASN A 257 3.44 26.44 -5.89
CA ASN A 257 2.49 25.71 -5.05
C ASN A 257 3.25 25.17 -3.84
N LYS A 258 2.51 24.92 -2.76
CA LYS A 258 3.14 24.43 -1.54
C LYS A 258 3.78 23.07 -1.76
N PHE A 259 3.21 22.27 -2.65
CA PHE A 259 3.83 21.04 -3.13
C PHE A 259 4.04 21.19 -4.64
N PHE A 260 4.38 20.10 -5.31
CA PHE A 260 4.42 20.02 -6.76
C PHE A 260 5.53 20.88 -7.33
N ILE A 261 6.33 21.53 -6.49
CA ILE A 261 7.29 22.52 -6.94
C ILE A 261 8.38 21.82 -7.76
N ASP A 262 9.05 20.83 -7.18
CA ASP A 262 10.26 20.31 -7.80
C ASP A 262 10.02 19.49 -9.05
N THR A 263 9.32 20.07 -10.02
CA THR A 263 8.98 19.39 -11.26
C THR A 263 9.22 20.34 -12.42
N SER A 264 9.89 19.85 -13.46
CA SER A 264 10.11 20.66 -14.65
C SER A 264 8.82 20.84 -15.43
N ILE A 265 8.77 21.91 -16.23
CA ILE A 265 7.60 22.24 -17.03
C ILE A 265 8.02 22.30 -18.49
N ILE A 266 7.29 21.59 -19.34
CA ILE A 266 7.53 21.63 -20.78
C ILE A 266 6.39 22.40 -21.44
N LEU A 267 6.57 23.71 -21.63
CA LEU A 267 5.53 24.53 -22.22
C LEU A 267 5.67 24.56 -23.74
N PHE A 268 4.54 24.50 -24.43
CA PHE A 268 4.49 24.58 -25.88
C PHE A 268 3.81 25.86 -26.33
N LEU A 269 4.26 26.37 -27.46
CA LEU A 269 3.62 27.49 -28.15
C LEU A 269 3.19 26.92 -29.50
N ASN A 270 2.00 26.31 -29.52
CA ASN A 270 1.62 25.45 -30.64
C ASN A 270 1.18 26.26 -31.86
N LYS A 271 0.78 27.52 -31.67
CA LYS A 271 0.33 28.35 -32.78
C LYS A 271 1.42 29.37 -33.09
N LYS A 272 2.25 29.05 -34.07
CA LYS A 272 3.33 29.92 -34.52
C LYS A 272 3.09 30.51 -35.91
N ASP A 273 2.58 29.70 -36.84
CA ASP A 273 2.27 30.23 -38.17
C ASP A 273 1.16 31.27 -38.11
N LEU A 274 0.15 31.04 -37.26
CA LEU A 274 -0.91 32.02 -37.08
C LEU A 274 -0.35 33.31 -36.52
N PHE A 275 0.52 33.21 -35.53
CA PHE A 275 1.14 34.41 -34.97
C PHE A 275 1.98 35.14 -36.01
N GLY A 276 2.72 34.39 -36.83
CA GLY A 276 3.54 35.03 -37.86
C GLY A 276 2.69 35.76 -38.87
N GLU A 277 1.65 35.11 -39.39
CA GLU A 277 0.78 35.76 -40.36
C GLU A 277 0.02 36.91 -39.73
N LYS A 278 -0.18 36.89 -38.41
CA LYS A 278 -0.78 38.03 -37.73
C LYS A 278 0.21 39.17 -37.58
N ILE A 279 1.50 38.86 -37.48
CA ILE A 279 2.50 39.89 -37.18
C ILE A 279 3.07 40.53 -38.44
N LYS A 280 2.94 39.91 -39.61
CA LYS A 280 3.24 40.63 -40.84
C LYS A 280 2.34 41.84 -41.00
N LYS A 281 1.05 41.65 -40.74
CA LYS A 281 0.17 42.78 -40.50
C LYS A 281 0.54 43.43 -39.19
N SER A 282 0.19 44.71 -39.03
CA SER A 282 0.48 45.46 -37.82
C SER A 282 -0.79 45.60 -37.00
N PRO A 283 -1.02 44.73 -36.01
CA PRO A 283 -2.17 44.95 -35.11
C PRO A 283 -2.10 46.22 -34.27
N LEU A 284 -0.94 46.62 -33.74
CA LEU A 284 0.34 45.91 -33.72
C LEU A 284 0.45 44.92 -32.53
N THR A 285 0.19 45.32 -31.28
CA THR A 285 -0.14 46.69 -30.88
C THR A 285 1.09 47.43 -30.30
N ILE A 286 1.82 46.87 -29.33
CA ILE A 286 1.51 45.64 -28.59
C ILE A 286 0.83 46.04 -27.30
N CYS A 287 -0.26 45.35 -26.94
CA CYS A 287 -1.03 45.76 -25.77
C CYS A 287 -0.32 45.34 -24.50
N PHE A 288 0.96 45.69 -24.40
CA PHE A 288 1.86 45.53 -23.27
C PHE A 288 2.52 46.86 -22.99
N PRO A 289 2.93 47.11 -21.75
CA PRO A 289 3.67 48.33 -21.44
C PRO A 289 5.16 48.17 -21.72
N GLU A 290 5.77 49.26 -22.17
CA GLU A 290 7.22 49.38 -22.37
C GLU A 290 7.83 48.16 -23.06
N TYR A 291 7.17 47.71 -24.13
CA TYR A 291 7.77 46.65 -24.95
C TYR A 291 9.07 47.13 -25.59
N THR A 292 9.01 48.27 -26.29
CA THR A 292 10.19 48.96 -26.81
C THR A 292 11.10 48.02 -27.59
N GLY A 293 10.50 47.21 -28.46
CA GLY A 293 11.26 46.26 -29.25
C GLY A 293 10.91 46.30 -30.72
N PRO A 294 11.72 45.64 -31.54
CA PRO A 294 11.40 45.54 -32.97
C PRO A 294 10.10 44.78 -33.18
N ASN A 295 9.36 45.19 -34.22
CA ASN A 295 8.04 44.61 -34.47
C ASN A 295 8.16 43.14 -34.86
N THR A 296 9.01 42.82 -35.83
CA THR A 296 9.04 41.50 -36.42
C THR A 296 10.48 41.03 -36.55
N TYR A 297 10.67 39.71 -36.46
CA TYR A 297 9.65 38.78 -35.98
C TYR A 297 10.20 37.98 -34.81
N GLU A 298 11.43 37.48 -35.01
CA GLU A 298 12.11 36.76 -33.95
C GLU A 298 12.33 37.63 -32.73
N ASP A 299 12.50 38.93 -32.92
CA ASP A 299 12.66 39.84 -31.79
C ASP A 299 11.40 39.84 -30.92
N ALA A 300 10.24 39.98 -31.55
CA ALA A 300 8.99 39.96 -30.80
C ALA A 300 8.76 38.59 -30.16
N ALA A 301 9.06 37.52 -30.90
CA ALA A 301 8.89 36.18 -30.33
C ALA A 301 9.79 35.97 -29.12
N ALA A 302 11.02 36.44 -29.20
CA ALA A 302 11.95 36.31 -28.08
C ALA A 302 11.51 37.15 -26.90
N TYR A 303 10.97 38.34 -27.16
CA TYR A 303 10.44 39.13 -26.05
C TYR A 303 9.28 38.42 -25.38
N ILE A 304 8.40 37.81 -26.18
CA ILE A 304 7.28 37.06 -25.60
C ILE A 304 7.80 35.89 -24.79
N GLN A 305 8.82 35.19 -25.30
CA GLN A 305 9.37 34.04 -24.57
C GLN A 305 10.06 34.48 -23.29
N ALA A 306 10.72 35.63 -23.30
CA ALA A 306 11.27 36.18 -22.06
C ALA A 306 10.16 36.51 -21.07
N GLN A 307 9.09 37.15 -21.56
CA GLN A 307 7.86 37.18 -20.79
C GLN A 307 7.31 35.77 -20.66
N PHE A 308 6.28 35.63 -19.82
CA PHE A 308 5.63 34.33 -19.65
C PHE A 308 6.63 33.33 -19.09
N GLU A 309 7.82 33.81 -18.77
CA GLU A 309 8.90 33.05 -18.17
C GLU A 309 9.51 33.91 -17.08
N SER A 310 10.69 33.53 -16.60
CA SER A 310 11.43 34.29 -15.60
C SER A 310 10.67 34.41 -14.29
N LYS A 311 9.53 33.75 -14.16
CA LYS A 311 8.78 33.71 -12.92
C LYS A 311 9.21 32.54 -12.05
N ASN A 312 10.18 31.76 -12.50
CA ASN A 312 10.75 30.69 -11.70
C ASN A 312 11.53 31.29 -10.54
N ARG A 313 10.98 31.19 -9.33
CA ARG A 313 11.61 31.71 -8.14
C ARG A 313 12.36 30.65 -7.36
N SER A 314 12.57 29.48 -7.95
CA SER A 314 13.22 28.38 -7.27
C SER A 314 14.37 27.84 -8.12
N PRO A 315 15.40 27.29 -7.49
CA PRO A 315 16.46 26.64 -8.27
C PRO A 315 16.01 25.29 -8.80
N ASN A 316 16.94 24.55 -9.40
CA ASN A 316 16.77 23.19 -9.89
C ASN A 316 15.44 22.96 -10.62
N LYS A 317 14.99 23.96 -11.36
CA LYS A 317 13.85 23.84 -12.27
C LYS A 317 14.36 24.08 -13.67
N GLU A 318 13.99 23.20 -14.60
CA GLU A 318 14.46 23.30 -15.98
C GLU A 318 13.25 23.52 -16.87
N ILE A 319 12.86 24.78 -17.03
CA ILE A 319 11.73 25.13 -17.88
C ILE A 319 12.15 25.02 -19.34
N TYR A 320 11.35 24.35 -20.14
CA TYR A 320 11.63 24.15 -21.55
C TYR A 320 10.67 24.98 -22.39
N CYS A 321 10.90 24.94 -23.70
CA CYS A 321 10.08 25.69 -24.64
C CYS A 321 10.24 25.08 -26.03
N HIS A 322 9.29 25.40 -26.90
CA HIS A 322 9.34 24.90 -28.26
C HIS A 322 8.48 25.79 -29.15
N MET A 323 8.73 25.70 -30.45
CA MET A 323 8.02 26.47 -31.47
C MET A 323 7.26 25.49 -32.37
N THR A 324 6.04 25.17 -31.98
CA THR A 324 5.20 24.24 -32.74
C THR A 324 4.26 24.95 -33.71
N CYS A 325 4.21 24.48 -34.95
CA CYS A 325 3.38 25.08 -35.97
C CYS A 325 2.15 24.23 -36.29
N ALA A 326 1.81 23.28 -35.41
CA ALA A 326 0.66 22.39 -35.58
C ALA A 326 0.75 21.54 -36.84
N THR A 327 1.95 21.38 -37.38
CA THR A 327 2.14 20.57 -38.59
C THR A 327 3.41 19.73 -38.55
N ASP A 328 4.10 19.65 -37.42
CA ASP A 328 5.38 18.96 -37.35
C ASP A 328 5.27 17.75 -36.43
N THR A 329 6.09 16.73 -36.71
CA THR A 329 6.15 15.53 -35.90
C THR A 329 7.28 15.56 -34.88
N ASN A 330 8.02 16.66 -34.79
CA ASN A 330 9.15 16.75 -33.88
C ASN A 330 8.74 16.85 -32.41
N ASN A 331 7.44 17.04 -32.14
CA ASN A 331 7.00 17.23 -30.76
C ASN A 331 7.34 16.01 -29.91
N ILE A 332 7.11 14.81 -30.45
CA ILE A 332 7.42 13.60 -29.69
C ILE A 332 8.92 13.53 -29.39
N GLN A 333 9.76 13.90 -30.37
CA GLN A 333 11.20 13.80 -30.18
C GLN A 333 11.69 14.77 -29.11
N VAL A 334 11.22 16.02 -29.16
CA VAL A 334 11.66 17.00 -28.17
C VAL A 334 11.11 16.65 -26.79
N VAL A 335 9.89 16.10 -26.73
CA VAL A 335 9.37 15.63 -25.45
C VAL A 335 10.27 14.53 -24.89
N PHE A 336 10.68 13.60 -25.75
CA PHE A 336 11.57 12.53 -25.31
C PHE A 336 12.90 13.09 -24.81
N ASP A 337 13.45 14.08 -25.51
CA ASP A 337 14.70 14.69 -25.07
C ASP A 337 14.55 15.38 -23.73
N ALA A 338 13.44 16.09 -23.53
CA ALA A 338 13.21 16.72 -22.23
C ALA A 338 13.09 15.68 -21.13
N VAL A 339 12.40 14.58 -21.41
CA VAL A 339 12.23 13.53 -20.40
C VAL A 339 13.58 12.92 -20.03
N THR A 340 14.40 12.64 -21.04
CA THR A 340 15.71 12.06 -20.82
C THR A 340 16.58 13.01 -20.01
N ASP A 341 16.50 14.29 -20.32
CA ASP A 341 17.27 15.30 -19.59
C ASP A 341 16.85 15.38 -18.13
N ILE A 342 15.54 15.36 -17.86
CA ILE A 342 15.12 15.46 -16.47
C ILE A 342 15.46 14.19 -15.71
N ILE A 343 15.41 13.02 -16.37
CA ILE A 343 15.83 11.80 -15.70
C ILE A 343 17.31 11.88 -15.32
N ILE A 344 18.15 12.34 -16.25
CA ILE A 344 19.58 12.47 -15.95
C ILE A 344 19.78 13.45 -14.80
N ALA A 345 19.07 14.57 -14.82
CA ALA A 345 19.21 15.56 -13.76
C ALA A 345 18.81 14.97 -12.40
N ASN A 346 17.78 14.18 -12.46
CA ASN A 346 17.34 13.61 -11.26
C ASN A 346 18.31 12.67 -10.68
N ASN A 347 18.78 11.78 -11.52
CA ASN A 347 19.76 10.79 -11.13
C ASN A 347 21.03 11.45 -10.58
N LEU A 348 21.47 12.53 -11.21
CA LEU A 348 22.63 13.26 -10.71
C LEU A 348 22.33 13.87 -9.35
N ARG A 349 21.12 14.40 -9.17
CA ARG A 349 20.74 14.91 -7.86
C ARG A 349 20.76 13.82 -6.81
N GLY A 350 20.48 12.59 -7.20
CA GLY A 350 20.59 11.49 -6.26
C GLY A 350 22.05 11.12 -6.05
N CYS A 351 22.61 11.51 -4.91
CA CYS A 351 24.01 11.31 -4.57
C CYS A 351 24.93 11.55 -5.76
N GLY A 352 24.93 12.78 -6.26
CA GLY A 352 24.32 13.93 -5.59
C GLY A 352 25.15 14.59 -4.50
N LEU A 353 26.29 15.22 -4.80
CA LEU A 353 26.89 15.49 -6.13
C LEU A 353 25.88 16.14 -7.08
N TYR A 354 25.48 17.36 -6.77
CA TYR A 354 24.56 18.08 -7.64
C TYR A 354 24.87 19.58 -7.65
N LEU B 16 -37.30 41.47 -5.62
CA LEU B 16 -37.71 40.91 -4.33
C LEU B 16 -36.54 40.20 -3.66
N ARG B 17 -35.33 40.45 -4.16
CA ARG B 17 -34.14 39.81 -3.60
C ARG B 17 -33.79 40.37 -2.23
N GLN B 18 -34.16 41.62 -1.94
CA GLN B 18 -33.90 42.19 -0.63
C GLN B 18 -34.68 41.46 0.46
N GLU B 19 -35.84 40.91 0.12
CA GLU B 19 -36.58 40.11 1.09
C GLU B 19 -35.76 38.94 1.58
N ALA B 20 -34.92 38.36 0.72
CA ALA B 20 -34.05 37.27 1.14
C ALA B 20 -33.06 37.71 2.21
N GLU B 21 -32.42 38.87 2.00
CA GLU B 21 -31.44 39.36 2.96
C GLU B 21 -32.08 39.96 4.21
N GLN B 22 -33.38 40.28 4.17
CA GLN B 22 -34.06 40.66 5.41
C GLN B 22 -34.53 39.43 6.19
N LEU B 23 -34.95 38.40 5.47
CA LEU B 23 -35.33 37.14 6.10
C LEU B 23 -34.09 36.57 6.77
N LYS B 24 -32.94 36.68 6.09
CA LYS B 24 -31.69 36.19 6.64
C LYS B 24 -31.36 36.88 7.97
N ASN B 25 -31.61 38.18 8.07
CA ASN B 25 -31.44 38.86 9.35
C ASN B 25 -32.46 38.37 10.37
N GLN B 26 -33.68 38.09 9.90
CA GLN B 26 -34.70 37.51 10.78
C GLN B 26 -34.23 36.21 11.39
N ILE B 27 -33.75 35.28 10.56
CA ILE B 27 -33.30 33.99 11.07
C ILE B 27 -32.04 34.15 11.90
N ARG B 28 -31.20 35.14 11.58
CA ARG B 28 -30.01 35.42 12.39
C ARG B 28 -30.41 35.81 13.81
N ASP B 29 -31.33 36.77 13.94
CA ASP B 29 -31.83 37.14 15.25
C ASP B 29 -32.50 35.94 15.92
N ALA B 30 -33.17 35.10 15.13
CA ALA B 30 -33.86 33.94 15.69
C ALA B 30 -32.90 32.98 16.37
N ARG B 31 -31.88 32.56 15.63
CA ARG B 31 -30.88 31.65 16.16
C ARG B 31 -30.12 32.28 17.32
N LYS B 32 -29.82 33.56 17.20
CA LYS B 32 -29.09 34.26 18.25
C LYS B 32 -29.89 34.29 19.54
N ALA B 33 -31.21 34.48 19.45
CA ALA B 33 -32.06 34.49 20.63
C ALA B 33 -32.30 33.09 21.18
N CYS B 34 -32.31 32.07 20.34
CA CYS B 34 -32.61 30.72 20.80
C CYS B 34 -31.48 30.11 21.63
N ALA B 35 -30.39 30.84 21.87
CA ALA B 35 -29.26 30.31 22.60
C ALA B 35 -28.84 31.29 23.67
N ASP B 36 -28.33 30.78 24.79
CA ASP B 36 -27.86 31.61 25.88
C ASP B 36 -26.45 31.20 26.31
N SER B 40 -19.68 25.67 27.05
CA SER B 40 -18.77 26.74 27.45
C SER B 40 -18.72 26.85 28.96
N GLN B 41 -19.79 27.39 29.54
CA GLN B 41 -19.91 27.54 30.99
C GLN B 41 -20.79 26.46 31.61
N ILE B 42 -21.13 25.43 30.84
CA ILE B 42 -21.95 24.32 31.31
C ILE B 42 -21.09 23.07 31.34
N THR B 43 -21.35 22.22 32.34
CA THR B 43 -20.67 20.93 32.56
C THR B 43 -19.14 21.05 32.45
N ASN B 44 -18.62 22.25 32.70
CA ASN B 44 -17.19 22.47 32.66
C ASN B 44 -16.46 21.85 33.84
N ASN B 45 -17.19 21.43 34.88
CA ASN B 45 -16.58 20.86 36.06
C ASN B 45 -16.21 19.39 35.90
N ILE B 46 -16.61 18.76 34.80
CA ILE B 46 -16.31 17.35 34.60
C ILE B 46 -14.81 17.15 34.46
N ASP B 47 -14.34 15.98 34.88
CA ASP B 47 -12.92 15.70 34.86
C ASP B 47 -12.39 15.62 33.43
N PRO B 48 -11.18 16.11 33.18
CA PRO B 48 -10.60 15.98 31.84
C PRO B 48 -10.33 14.53 31.50
N VAL B 49 -10.28 14.25 30.19
CA VAL B 49 -9.99 12.90 29.73
C VAL B 49 -8.60 12.45 30.17
N GLY B 50 -7.70 13.38 30.44
CA GLY B 50 -6.37 13.04 30.89
C GLY B 50 -5.43 12.67 29.76
N ARG B 51 -4.23 12.26 30.14
CA ARG B 51 -3.22 11.85 29.17
C ARG B 51 -3.69 10.62 28.42
N ILE B 52 -3.90 10.76 27.12
CA ILE B 52 -4.37 9.68 26.27
C ILE B 52 -3.27 9.37 25.26
N GLN B 53 -2.82 8.11 25.25
CA GLN B 53 -1.73 7.69 24.39
C GLN B 53 -2.08 6.36 23.73
N MET B 54 -1.89 6.29 22.41
CA MET B 54 -2.09 5.07 21.66
C MET B 54 -0.77 4.58 21.09
N ARG B 55 -0.67 3.28 20.89
CA ARG B 55 0.53 2.66 20.35
C ARG B 55 0.16 1.81 19.15
N THR B 56 1.14 1.65 18.26
CA THR B 56 0.97 0.81 17.08
C THR B 56 0.97 -0.66 17.48
N ARG B 57 0.02 -1.42 16.94
CA ARG B 57 -0.04 -2.86 17.18
C ARG B 57 0.17 -3.69 15.94
N ARG B 58 -0.17 -3.17 14.76
CA ARG B 58 0.06 -3.88 13.51
C ARG B 58 0.62 -2.91 12.49
N THR B 59 1.30 -3.44 11.49
CA THR B 59 1.88 -2.65 10.41
C THR B 59 1.47 -3.28 9.09
N LEU B 60 0.41 -2.74 8.50
CA LEU B 60 -0.12 -3.23 7.22
C LEU B 60 0.70 -2.62 6.11
N ARG B 61 1.61 -3.40 5.55
CA ARG B 61 2.60 -2.84 4.62
C ARG B 61 2.51 -3.47 3.24
N GLY B 62 1.31 -3.58 2.70
CA GLY B 62 1.16 -4.16 1.38
C GLY B 62 1.14 -3.16 0.24
N HIS B 63 0.75 -1.91 0.50
CA HIS B 63 0.58 -0.94 -0.57
C HIS B 63 1.94 -0.47 -1.09
N LEU B 64 1.88 0.25 -2.21
CA LEU B 64 3.08 0.69 -2.92
C LEU B 64 3.09 2.21 -3.06
N ALA B 65 1.93 2.79 -3.33
CA ALA B 65 1.80 4.23 -3.56
C ALA B 65 0.88 4.82 -2.51
N LYS B 66 0.59 6.10 -2.66
CA LYS B 66 -0.22 6.82 -1.70
C LYS B 66 -1.64 6.27 -1.66
N ILE B 67 -2.26 6.33 -0.48
CA ILE B 67 -3.62 5.85 -0.29
C ILE B 67 -4.49 7.02 0.15
N TYR B 68 -5.80 6.87 -0.06
CA TYR B 68 -6.74 7.94 0.23
C TYR B 68 -7.78 7.59 1.27
N ALA B 69 -8.47 6.45 1.12
CA ALA B 69 -9.61 6.17 1.96
C ALA B 69 -9.61 4.70 2.38
N MET B 70 -10.27 4.45 3.52
CA MET B 70 -10.45 3.12 4.04
C MET B 70 -11.79 3.04 4.77
N HIS B 71 -12.30 1.83 4.93
CA HIS B 71 -13.58 1.63 5.57
C HIS B 71 -13.54 0.33 6.38
N TRP B 72 -14.41 0.27 7.39
CA TRP B 72 -14.50 -0.88 8.27
C TRP B 72 -15.77 -1.67 7.97
N GLY B 73 -15.63 -3.00 7.92
CA GLY B 73 -16.79 -3.84 7.76
C GLY B 73 -17.60 -3.94 9.03
N THR B 74 -18.80 -4.53 8.90
CA THR B 74 -19.66 -4.68 10.05
C THR B 74 -19.18 -5.75 11.02
N ASP B 75 -18.26 -6.61 10.58
CA ASP B 75 -17.68 -7.60 11.48
C ASP B 75 -16.56 -7.04 12.33
N SER B 76 -16.14 -5.80 12.06
CA SER B 76 -14.97 -5.19 12.72
C SER B 76 -13.72 -6.03 12.53
N ARG B 77 -13.66 -6.77 11.42
CA ARG B 77 -12.55 -7.65 11.11
C ARG B 77 -11.83 -7.29 9.82
N LEU B 78 -12.56 -6.95 8.78
CA LEU B 78 -11.99 -6.72 7.46
C LEU B 78 -12.13 -5.25 7.10
N LEU B 79 -11.04 -4.63 6.69
CA LEU B 79 -11.03 -3.24 6.27
C LEU B 79 -10.43 -3.15 4.87
N VAL B 80 -11.03 -2.28 4.05
CA VAL B 80 -10.61 -2.10 2.67
C VAL B 80 -10.12 -0.69 2.42
N SER B 81 -8.97 -0.59 1.75
CA SER B 81 -8.38 0.71 1.46
C SER B 81 -8.02 0.79 -0.02
N ALA B 82 -8.03 2.00 -0.55
CA ALA B 82 -7.72 2.24 -1.96
C ALA B 82 -6.49 3.13 -2.08
N SER B 83 -5.70 2.87 -3.10
CA SER B 83 -4.47 3.61 -3.34
C SER B 83 -4.32 3.91 -4.81
N GLN B 84 -3.35 4.78 -5.13
CA GLN B 84 -3.16 5.21 -6.51
C GLN B 84 -2.76 4.07 -7.42
N ASP B 85 -2.16 3.01 -6.86
CA ASP B 85 -1.79 1.86 -7.68
C ASP B 85 -3.00 1.15 -8.27
N GLY B 86 -4.20 1.40 -7.76
CA GLY B 86 -5.40 0.81 -8.32
C GLY B 86 -5.75 -0.56 -7.79
N LYS B 87 -5.39 -0.87 -6.55
CA LYS B 87 -5.66 -2.17 -5.96
C LYS B 87 -6.43 -2.00 -4.66
N LEU B 88 -7.49 -2.77 -4.50
CA LEU B 88 -8.24 -2.82 -3.25
C LEU B 88 -7.81 -4.06 -2.48
N ILE B 89 -7.58 -3.89 -1.18
CA ILE B 89 -7.09 -4.98 -0.34
C ILE B 89 -8.05 -5.17 0.81
N ILE B 90 -8.47 -6.41 1.03
CA ILE B 90 -9.30 -6.72 2.16
C ILE B 90 -8.32 -7.39 3.10
N TRP B 91 -7.93 -6.68 4.16
CA TRP B 91 -6.98 -7.20 5.12
C TRP B 91 -7.70 -8.01 6.20
N ASP B 92 -6.91 -8.79 6.93
CA ASP B 92 -7.36 -9.43 8.15
C ASP B 92 -6.67 -8.72 9.31
N SER B 93 -7.42 -7.86 10.00
CA SER B 93 -6.81 -7.03 11.04
C SER B 93 -6.20 -7.88 12.14
N TYR B 94 -6.74 -9.07 12.37
CA TYR B 94 -6.22 -9.91 13.43
C TYR B 94 -4.86 -10.50 13.05
N THR B 95 -4.74 -11.01 11.82
CA THR B 95 -3.55 -11.74 11.42
C THR B 95 -2.80 -11.10 10.26
N THR B 96 -3.19 -9.90 9.85
CA THR B 96 -2.47 -9.15 8.82
C THR B 96 -2.32 -9.96 7.53
N ASN B 97 -3.38 -10.62 7.13
CA ASN B 97 -3.42 -11.33 5.86
C ASN B 97 -4.09 -10.47 4.80
N LYS B 98 -4.23 -11.02 3.61
CA LYS B 98 -4.84 -10.33 2.48
C LYS B 98 -5.92 -11.22 1.88
N VAL B 99 -7.19 -10.93 2.20
CA VAL B 99 -8.27 -11.78 1.75
C VAL B 99 -8.44 -11.69 0.24
N HIS B 100 -8.43 -10.48 -0.31
CA HIS B 100 -8.61 -10.31 -1.74
C HIS B 100 -7.82 -9.09 -2.22
N ALA B 101 -7.51 -9.09 -3.51
CA ALA B 101 -6.80 -7.99 -4.15
C ALA B 101 -7.48 -7.73 -5.49
N ILE B 102 -8.34 -6.71 -5.53
CA ILE B 102 -9.10 -6.40 -6.74
C ILE B 102 -8.30 -5.49 -7.65
N PRO B 103 -8.05 -5.88 -8.90
CA PRO B 103 -7.47 -4.95 -9.87
C PRO B 103 -8.54 -4.06 -10.47
N LEU B 104 -8.31 -2.76 -10.46
CA LEU B 104 -9.29 -1.77 -10.87
C LEU B 104 -9.20 -1.48 -12.36
N ARG B 105 -10.23 -0.80 -12.87
CA ARG B 105 -10.23 -0.33 -14.25
C ARG B 105 -9.67 1.08 -14.36
N SER B 106 -10.05 1.98 -13.45
CA SER B 106 -9.52 3.33 -13.40
C SER B 106 -8.57 3.45 -12.22
N SER B 107 -7.33 3.83 -12.48
CA SER B 107 -6.33 3.88 -11.42
C SER B 107 -6.68 4.92 -10.37
N TRP B 108 -7.16 6.09 -10.80
CA TRP B 108 -7.36 7.21 -9.89
C TRP B 108 -8.63 6.99 -9.08
N VAL B 109 -8.49 6.90 -7.76
CA VAL B 109 -9.59 6.65 -6.85
C VAL B 109 -9.46 7.59 -5.66
N MET B 110 -10.58 8.08 -5.16
CA MET B 110 -10.58 8.89 -3.95
C MET B 110 -11.49 8.35 -2.85
N THR B 111 -12.17 7.22 -3.05
CA THR B 111 -13.07 6.73 -2.02
C THR B 111 -13.30 5.24 -2.16
N CYS B 112 -13.80 4.65 -1.08
CA CYS B 112 -14.16 3.25 -1.03
C CYS B 112 -15.24 3.06 0.01
N ALA B 113 -15.98 1.95 -0.10
CA ALA B 113 -17.09 1.71 0.82
C ALA B 113 -17.32 0.22 0.96
N TYR B 114 -17.79 -0.16 2.15
CA TYR B 114 -18.05 -1.56 2.49
C TYR B 114 -19.54 -1.75 2.75
N ALA B 115 -20.11 -2.78 2.16
CA ALA B 115 -21.53 -3.03 2.33
C ALA B 115 -21.83 -3.47 3.75
N PRO B 116 -22.96 -3.05 4.32
CA PRO B 116 -23.35 -3.56 5.64
C PRO B 116 -23.53 -5.07 5.65
N SER B 117 -23.98 -5.65 4.54
CA SER B 117 -24.12 -7.10 4.45
C SER B 117 -22.80 -7.81 4.22
N GLY B 118 -21.75 -7.09 3.90
CA GLY B 118 -20.45 -7.70 3.67
C GLY B 118 -20.31 -8.43 2.36
N ASN B 119 -21.28 -8.31 1.46
CA ASN B 119 -21.22 -9.01 0.18
C ASN B 119 -20.69 -8.15 -0.95
N TYR B 120 -20.74 -6.83 -0.81
CA TYR B 120 -20.37 -5.92 -1.90
C TYR B 120 -19.38 -4.89 -1.39
N VAL B 121 -18.56 -4.38 -2.31
CA VAL B 121 -17.62 -3.31 -2.02
C VAL B 121 -17.63 -2.36 -3.22
N ALA B 122 -17.60 -1.07 -2.94
CA ALA B 122 -17.72 -0.05 -3.98
C ALA B 122 -16.63 0.99 -3.84
N CYS B 123 -16.22 1.55 -4.98
CA CYS B 123 -15.20 2.59 -5.00
C CYS B 123 -15.42 3.46 -6.23
N GLY B 124 -14.85 4.66 -6.18
CA GLY B 124 -14.94 5.59 -7.29
C GLY B 124 -13.93 6.70 -7.14
N GLY B 125 -13.71 7.42 -8.23
CA GLY B 125 -12.72 8.49 -8.27
C GLY B 125 -12.93 9.43 -9.42
N LEU B 126 -11.83 9.85 -10.04
CA LEU B 126 -11.86 10.83 -11.13
C LEU B 126 -12.54 10.29 -12.38
N ASP B 127 -12.78 8.98 -12.44
CA ASP B 127 -13.47 8.40 -13.59
C ASP B 127 -14.92 8.85 -13.70
N ASN B 128 -15.46 9.51 -12.68
CA ASN B 128 -16.82 10.05 -12.67
C ASN B 128 -17.88 8.96 -12.71
N ILE B 129 -17.51 7.72 -12.40
CA ILE B 129 -18.44 6.61 -12.36
C ILE B 129 -18.18 5.80 -11.11
N CYS B 130 -19.25 5.42 -10.41
CA CYS B 130 -19.14 4.57 -9.23
C CYS B 130 -19.16 3.11 -9.64
N SER B 131 -18.15 2.37 -9.20
CA SER B 131 -18.01 0.96 -9.52
C SER B 131 -18.35 0.13 -8.30
N ILE B 132 -19.18 -0.90 -8.50
CA ILE B 132 -19.61 -1.78 -7.41
C ILE B 132 -19.14 -3.19 -7.72
N TYR B 133 -18.58 -3.85 -6.72
CA TYR B 133 -17.98 -5.18 -6.87
C TYR B 133 -18.77 -6.21 -6.07
N ASN B 134 -18.54 -7.48 -6.42
CA ASN B 134 -19.19 -8.61 -5.77
C ASN B 134 -18.14 -9.49 -5.12
N LEU B 135 -18.51 -10.10 -3.99
CA LEU B 135 -17.59 -10.93 -3.24
C LEU B 135 -17.99 -12.41 -3.26
N LYS B 136 -19.20 -12.74 -2.83
CA LYS B 136 -19.63 -14.12 -2.73
C LYS B 136 -20.16 -14.58 -4.08
N THR B 137 -19.53 -15.60 -4.65
CA THR B 137 -19.93 -16.12 -5.94
C THR B 137 -19.54 -17.59 -6.05
N ARG B 138 -20.20 -18.29 -6.98
CA ARG B 138 -19.90 -19.70 -7.19
C ARG B 138 -18.47 -19.89 -7.70
N GLU B 139 -18.03 -19.03 -8.61
CA GLU B 139 -16.70 -19.16 -9.19
C GLU B 139 -15.59 -18.76 -8.22
N GLY B 140 -15.93 -18.10 -7.12
CA GLY B 140 -14.93 -17.70 -6.16
C GLY B 140 -13.95 -16.67 -6.66
N ASN B 141 -14.42 -15.70 -7.45
CA ASN B 141 -13.59 -14.60 -7.90
C ASN B 141 -14.44 -13.34 -7.98
N VAL B 142 -13.85 -12.22 -7.62
CA VAL B 142 -14.58 -10.95 -7.59
C VAL B 142 -14.71 -10.40 -9.00
N ARG B 143 -15.80 -9.68 -9.24
CA ARG B 143 -16.05 -9.09 -10.55
C ARG B 143 -17.00 -7.92 -10.37
N VAL B 144 -17.05 -7.06 -11.40
CA VAL B 144 -17.93 -5.90 -11.36
C VAL B 144 -19.38 -6.35 -11.40
N SER B 145 -20.26 -5.49 -10.88
CA SER B 145 -21.70 -5.75 -10.91
C SER B 145 -22.45 -4.69 -11.72
N ARG B 146 -22.24 -3.41 -11.43
CA ARG B 146 -22.86 -2.32 -12.15
C ARG B 146 -21.87 -1.18 -12.31
N GLU B 147 -22.09 -0.36 -13.33
CA GLU B 147 -21.26 0.81 -13.60
C GLU B 147 -22.19 2.02 -13.62
N LEU B 148 -22.29 2.70 -12.48
CA LEU B 148 -23.20 3.82 -12.34
C LEU B 148 -22.58 5.04 -13.01
N ALA B 149 -23.27 5.57 -14.04
CA ALA B 149 -22.75 6.67 -14.85
C ALA B 149 -23.84 7.72 -15.01
N GLY B 150 -23.92 8.64 -14.06
CA GLY B 150 -24.86 9.75 -14.16
C GLY B 150 -24.22 11.10 -13.91
N HIS B 151 -23.05 11.10 -13.27
CA HIS B 151 -22.40 12.34 -12.88
C HIS B 151 -21.43 12.81 -13.97
N THR B 152 -21.17 14.11 -13.96
CA THR B 152 -20.23 14.73 -14.88
C THR B 152 -19.04 15.35 -14.17
N GLY B 153 -18.76 14.91 -12.93
CA GLY B 153 -17.65 15.43 -12.17
C GLY B 153 -17.03 14.34 -11.33
N TYR B 154 -15.91 14.68 -10.72
CA TYR B 154 -15.17 13.70 -9.92
C TYR B 154 -15.96 13.31 -8.68
N LEU B 155 -15.92 12.03 -8.36
CA LEU B 155 -16.61 11.52 -7.17
C LEU B 155 -15.81 11.83 -5.92
N SER B 156 -16.52 11.94 -4.80
CA SER B 156 -15.89 12.22 -3.51
C SER B 156 -16.02 11.06 -2.53
N CYS B 157 -17.21 10.50 -2.37
CA CYS B 157 -17.38 9.39 -1.44
C CYS B 157 -18.67 8.66 -1.76
N CYS B 158 -18.74 7.41 -1.31
CA CYS B 158 -19.89 6.55 -1.53
C CYS B 158 -20.30 5.90 -0.21
N ARG B 159 -21.61 5.72 -0.02
CA ARG B 159 -22.13 5.03 1.15
C ARG B 159 -23.27 4.12 0.72
N PHE B 160 -23.52 3.10 1.52
CA PHE B 160 -24.57 2.12 1.25
C PHE B 160 -25.70 2.33 2.26
N LEU B 161 -26.85 2.77 1.76
CA LEU B 161 -28.04 2.78 2.62
C LEU B 161 -28.44 1.36 3.01
N ASP B 162 -28.37 0.44 2.06
CA ASP B 162 -28.65 -0.97 2.30
C ASP B 162 -27.98 -1.77 1.19
N ASP B 163 -28.36 -3.03 1.06
CA ASP B 163 -27.80 -3.88 0.02
C ASP B 163 -28.31 -3.51 -1.37
N ASN B 164 -29.33 -2.64 -1.46
CA ASN B 164 -29.95 -2.33 -2.73
C ASN B 164 -29.83 -0.88 -3.15
N GLN B 165 -29.47 0.03 -2.25
CA GLN B 165 -29.40 1.45 -2.56
C GLN B 165 -28.05 2.03 -2.15
N ILE B 166 -27.53 2.89 -3.00
CA ILE B 166 -26.26 3.58 -2.78
C ILE B 166 -26.51 5.08 -2.79
N VAL B 167 -25.71 5.79 -2.00
CA VAL B 167 -25.76 7.25 -1.95
C VAL B 167 -24.34 7.76 -2.19
N THR B 168 -24.20 8.73 -3.09
CA THR B 168 -22.89 9.21 -3.48
C THR B 168 -22.91 10.73 -3.65
N SER B 169 -21.72 11.31 -3.65
CA SER B 169 -21.56 12.75 -3.78
C SER B 169 -20.40 13.02 -4.73
N SER B 170 -20.67 13.73 -5.82
CA SER B 170 -19.69 14.00 -6.86
C SER B 170 -19.18 15.44 -6.75
N GLY B 171 -18.41 15.87 -7.74
CA GLY B 171 -17.91 17.22 -7.81
C GLY B 171 -18.79 18.21 -8.55
N ASP B 172 -19.98 17.79 -8.98
CA ASP B 172 -20.90 18.65 -9.70
C ASP B 172 -21.84 19.43 -8.78
N THR B 173 -21.44 19.63 -7.53
CA THR B 173 -22.27 20.29 -6.51
C THR B 173 -23.60 19.57 -6.31
N THR B 174 -23.67 18.29 -6.64
CA THR B 174 -24.90 17.52 -6.60
C THR B 174 -24.68 16.18 -5.91
N CYS B 175 -25.70 15.73 -5.20
CA CYS B 175 -25.70 14.41 -4.58
C CYS B 175 -26.90 13.63 -5.06
N ALA B 176 -26.69 12.38 -5.46
CA ALA B 176 -27.73 11.57 -6.07
C ALA B 176 -27.85 10.23 -5.36
N LEU B 177 -29.08 9.73 -5.27
CA LEU B 177 -29.36 8.41 -4.73
C LEU B 177 -29.72 7.48 -5.89
N TRP B 178 -29.13 6.30 -5.88
CA TRP B 178 -29.25 5.38 -7.01
C TRP B 178 -29.93 4.10 -6.57
N ASP B 179 -30.07 3.18 -7.53
CA ASP B 179 -30.57 1.83 -7.26
C ASP B 179 -29.75 0.87 -8.11
N ILE B 180 -28.99 -0.01 -7.45
CA ILE B 180 -27.99 -0.81 -8.14
C ILE B 180 -28.65 -1.72 -9.17
N GLU B 181 -29.72 -2.40 -8.78
CA GLU B 181 -30.43 -3.26 -9.73
C GLU B 181 -31.02 -2.44 -10.87
N THR B 182 -31.60 -1.28 -10.57
CA THR B 182 -32.12 -0.42 -11.61
C THR B 182 -31.00 0.22 -12.41
N GLY B 183 -29.97 0.71 -11.73
CA GLY B 183 -28.87 1.38 -12.40
C GLY B 183 -29.18 2.78 -12.87
N GLN B 184 -30.17 3.43 -12.29
CA GLN B 184 -30.55 4.78 -12.69
C GLN B 184 -30.71 5.66 -11.45
N GLN B 185 -30.49 6.95 -11.65
CA GLN B 185 -30.63 7.93 -10.57
C GLN B 185 -32.10 8.06 -10.22
N THR B 186 -32.51 7.48 -9.08
CA THR B 186 -33.89 7.60 -8.67
C THR B 186 -34.24 9.00 -8.18
N THR B 187 -33.24 9.77 -7.74
CA THR B 187 -33.47 11.15 -7.32
C THR B 187 -32.13 11.87 -7.30
N THR B 188 -32.19 13.19 -7.27
CA THR B 188 -30.99 14.02 -7.29
C THR B 188 -31.18 15.20 -6.36
N PHE B 189 -30.14 15.52 -5.58
CA PHE B 189 -30.15 16.63 -4.64
C PHE B 189 -29.14 17.67 -5.09
N THR B 190 -29.52 18.95 -4.98
CA THR B 190 -28.66 20.02 -5.47
C THR B 190 -28.95 21.31 -4.71
N GLY B 191 -28.01 22.24 -4.80
CA GLY B 191 -28.18 23.56 -4.23
C GLY B 191 -27.01 24.08 -3.43
N HIS B 192 -25.91 23.34 -3.40
CA HIS B 192 -24.76 23.75 -2.59
C HIS B 192 -23.94 24.83 -3.26
N THR B 193 -23.99 24.94 -4.58
CA THR B 193 -23.23 25.93 -5.34
C THR B 193 -21.73 25.85 -5.02
N GLY B 194 -21.23 24.62 -4.94
CA GLY B 194 -19.82 24.42 -4.67
C GLY B 194 -19.51 22.94 -4.60
N ASP B 195 -18.24 22.61 -4.75
CA ASP B 195 -17.81 21.23 -4.72
C ASP B 195 -18.14 20.61 -3.37
N VAL B 196 -18.93 19.53 -3.40
CA VAL B 196 -19.36 18.84 -2.20
C VAL B 196 -18.44 17.64 -1.97
N MET B 197 -17.95 17.49 -0.74
CA MET B 197 -17.02 16.44 -0.42
C MET B 197 -17.40 15.79 0.91
N SER B 198 -17.01 14.52 1.05
CA SER B 198 -17.12 13.79 2.32
C SER B 198 -18.56 13.74 2.81
N LEU B 199 -19.40 13.01 2.08
CA LEU B 199 -20.76 12.77 2.50
C LEU B 199 -20.83 11.56 3.42
N SER B 200 -21.38 11.74 4.62
CA SER B 200 -21.46 10.70 5.62
C SER B 200 -22.90 10.45 6.02
N LEU B 201 -23.33 9.20 5.93
CA LEU B 201 -24.67 8.80 6.30
C LEU B 201 -24.84 8.82 7.82
N ALA B 202 -26.08 8.96 8.25
CA ALA B 202 -26.44 8.93 9.66
C ALA B 202 -26.81 7.51 10.09
N PRO B 203 -26.66 7.19 11.38
CA PRO B 203 -27.03 5.84 11.84
C PRO B 203 -28.48 5.47 11.58
N ASP B 204 -29.39 6.44 11.58
CA ASP B 204 -30.79 6.12 11.32
C ASP B 204 -31.02 5.69 9.88
N THR B 205 -30.07 5.97 8.98
CA THR B 205 -30.17 5.63 7.56
C THR B 205 -31.40 6.24 6.91
N ARG B 206 -31.80 7.44 7.37
CA ARG B 206 -32.89 8.17 6.77
C ARG B 206 -32.59 9.65 6.53
N LEU B 207 -31.45 10.14 7.01
CA LEU B 207 -31.02 11.52 6.77
C LEU B 207 -29.51 11.53 6.66
N PHE B 208 -28.97 12.58 6.04
CA PHE B 208 -27.53 12.71 5.93
C PHE B 208 -27.17 14.16 5.65
N VAL B 209 -25.92 14.51 5.94
CA VAL B 209 -25.39 15.85 5.74
C VAL B 209 -24.14 15.75 4.88
N SER B 210 -24.01 16.67 3.93
CA SER B 210 -22.90 16.67 2.99
C SER B 210 -22.11 17.98 3.10
N GLY B 211 -20.83 17.91 2.78
CA GLY B 211 -19.98 19.07 2.78
C GLY B 211 -20.16 19.93 1.54
N ALA B 212 -19.38 21.01 1.48
CA ALA B 212 -19.45 21.93 0.36
C ALA B 212 -18.15 22.72 0.30
N CYS B 213 -17.94 23.38 -0.84
CA CYS B 213 -16.75 24.18 -1.06
C CYS B 213 -16.89 25.59 -0.52
N ASP B 214 -18.06 25.96 0.00
CA ASP B 214 -18.34 27.33 0.43
C ASP B 214 -18.69 27.39 1.92
N ALA B 215 -18.06 26.55 2.73
CA ALA B 215 -18.24 26.57 4.19
C ALA B 215 -19.72 26.44 4.58
N SER B 216 -20.43 25.54 3.90
CA SER B 216 -21.84 25.34 4.15
C SER B 216 -22.13 23.85 4.25
N ALA B 217 -23.01 23.48 5.17
CA ALA B 217 -23.45 22.10 5.34
C ALA B 217 -24.97 22.06 5.29
N LYS B 218 -25.49 21.05 4.62
CA LYS B 218 -26.93 20.89 4.45
C LYS B 218 -27.33 19.45 4.76
N LEU B 219 -28.33 19.30 5.63
CA LEU B 219 -28.96 18.01 5.82
C LEU B 219 -29.92 17.74 4.66
N TRP B 220 -30.11 16.46 4.36
CA TRP B 220 -30.99 16.06 3.27
C TRP B 220 -31.92 14.93 3.72
N ASP B 221 -33.06 14.85 3.07
CA ASP B 221 -34.05 13.81 3.31
C ASP B 221 -33.91 12.74 2.24
N VAL B 222 -33.87 11.47 2.66
CA VAL B 222 -33.68 10.37 1.71
C VAL B 222 -34.96 10.02 0.97
N ARG B 223 -36.11 10.52 1.41
CA ARG B 223 -37.38 10.22 0.77
C ARG B 223 -38.02 11.43 0.12
N GLU B 224 -38.12 12.56 0.84
CA GLU B 224 -38.80 13.73 0.30
C GLU B 224 -38.00 14.35 -0.85
N GLY B 225 -36.71 14.56 -0.66
CA GLY B 225 -35.83 14.99 -1.72
C GLY B 225 -35.34 16.42 -1.70
N MET B 226 -35.62 17.18 -0.64
CA MET B 226 -35.13 18.54 -0.52
C MET B 226 -34.39 18.71 0.80
N CYS B 227 -33.42 19.61 0.81
CA CYS B 227 -32.63 19.86 2.01
C CYS B 227 -33.49 20.49 3.10
N ARG B 228 -33.24 20.09 4.34
CA ARG B 228 -34.04 20.55 5.47
C ARG B 228 -33.45 21.80 6.11
N GLN B 229 -32.15 21.80 6.39
CA GLN B 229 -31.49 22.91 7.03
C GLN B 229 -30.17 23.19 6.33
N THR B 230 -29.69 24.42 6.48
CA THR B 230 -28.42 24.85 5.89
C THR B 230 -27.62 25.58 6.96
N PHE B 231 -26.49 25.02 7.35
CA PHE B 231 -25.66 25.60 8.39
C PHE B 231 -24.46 26.30 7.77
N THR B 232 -24.01 27.36 8.42
CA THR B 232 -22.90 28.17 7.94
C THR B 232 -22.05 28.59 9.13
N GLY B 233 -21.18 29.56 8.91
CA GLY B 233 -20.36 30.14 9.96
C GLY B 233 -18.87 29.95 9.80
N HIS B 234 -18.41 29.12 8.85
CA HIS B 234 -16.99 28.90 8.66
C HIS B 234 -16.46 29.82 7.57
N GLU B 235 -15.13 29.90 7.49
CA GLU B 235 -14.46 30.88 6.64
C GLU B 235 -13.94 30.32 5.34
N SER B 236 -13.63 29.03 5.27
CA SER B 236 -12.98 28.47 4.08
C SER B 236 -13.60 27.11 3.77
N ASP B 237 -12.94 26.37 2.89
CA ASP B 237 -13.44 25.09 2.44
C ASP B 237 -13.42 24.07 3.57
N ILE B 238 -14.39 23.15 3.53
CA ILE B 238 -14.45 22.05 4.48
C ILE B 238 -14.16 20.76 3.74
N ASN B 239 -13.68 19.76 4.47
CA ASN B 239 -13.20 18.53 3.86
C ASN B 239 -13.71 17.25 4.51
N ALA B 240 -14.29 17.31 5.70
CA ALA B 240 -14.72 16.08 6.36
C ALA B 240 -15.98 16.35 7.17
N ILE B 241 -16.75 15.29 7.38
CA ILE B 241 -17.95 15.36 8.20
C ILE B 241 -18.34 13.93 8.56
N CYS B 242 -18.91 13.77 9.75
CA CYS B 242 -19.36 12.45 10.19
C CYS B 242 -20.45 12.62 11.23
N PHE B 243 -21.30 11.61 11.34
CA PHE B 243 -22.45 11.69 12.23
C PHE B 243 -22.09 11.20 13.64
N PHE B 244 -22.72 11.82 14.62
CA PHE B 244 -22.57 11.39 16.00
C PHE B 244 -23.27 10.05 16.22
N PRO B 245 -22.80 9.24 17.16
CA PRO B 245 -23.47 7.95 17.42
C PRO B 245 -24.93 8.10 17.79
N ASN B 246 -25.31 9.17 18.48
CA ASN B 246 -26.71 9.36 18.84
C ASN B 246 -27.60 9.64 17.63
N GLY B 247 -27.01 9.99 16.50
CA GLY B 247 -27.79 10.39 15.34
C GLY B 247 -28.53 11.70 15.55
N ASN B 248 -27.93 12.65 16.27
CA ASN B 248 -28.55 13.94 16.48
C ASN B 248 -27.56 15.09 16.37
N ALA B 249 -26.35 14.85 15.88
CA ALA B 249 -25.34 15.89 15.76
C ALA B 249 -24.30 15.44 14.74
N PHE B 250 -23.30 16.28 14.54
CA PHE B 250 -22.20 15.99 13.61
C PHE B 250 -21.14 17.06 13.80
N ALA B 251 -19.93 16.75 13.33
CA ALA B 251 -18.81 17.68 13.37
C ALA B 251 -18.16 17.74 12.00
N THR B 252 -17.67 18.93 11.65
CA THR B 252 -17.07 19.14 10.34
C THR B 252 -15.66 19.71 10.47
N GLY B 253 -14.77 19.18 9.64
CA GLY B 253 -13.40 19.65 9.58
C GLY B 253 -13.21 20.49 8.32
N SER B 254 -12.20 21.34 8.33
CA SER B 254 -12.01 22.29 7.24
C SER B 254 -10.55 22.65 7.12
N ASP B 255 -10.21 23.29 5.99
CA ASP B 255 -8.85 23.70 5.72
C ASP B 255 -8.36 24.80 6.66
N ASP B 256 -9.27 25.41 7.42
CA ASP B 256 -8.91 26.46 8.36
C ASP B 256 -8.41 25.91 9.70
N ALA B 257 -8.01 24.64 9.74
CA ALA B 257 -7.50 24.00 10.95
C ALA B 257 -8.49 24.10 12.11
N THR B 258 -9.78 24.07 11.80
CA THR B 258 -10.81 24.23 12.80
C THR B 258 -11.87 23.16 12.65
N CYS B 259 -12.27 22.56 13.76
CA CYS B 259 -13.39 21.63 13.80
C CYS B 259 -14.54 22.33 14.51
N ARG B 260 -15.69 22.38 13.84
CA ARG B 260 -16.86 23.03 14.38
C ARG B 260 -18.00 22.03 14.48
N LEU B 261 -18.67 22.04 15.62
CA LEU B 261 -19.74 21.08 15.92
C LEU B 261 -21.08 21.78 15.79
N PHE B 262 -21.98 21.18 15.03
CA PHE B 262 -23.31 21.72 14.79
C PHE B 262 -24.37 20.73 15.22
N ASP B 263 -25.49 21.26 15.71
CA ASP B 263 -26.66 20.46 16.06
C ASP B 263 -27.86 20.99 15.32
N LEU B 264 -28.62 20.09 14.69
CA LEU B 264 -29.78 20.50 13.91
C LEU B 264 -30.82 21.15 14.80
N ARG B 265 -31.03 20.63 16.02
CA ARG B 265 -31.97 21.25 16.94
C ARG B 265 -31.52 22.66 17.31
N ALA B 266 -30.22 22.84 17.58
CA ALA B 266 -29.71 24.15 17.97
C ALA B 266 -29.63 25.10 16.78
N ASP B 267 -29.34 24.58 15.58
CA ASP B 267 -29.16 25.39 14.38
C ASP B 267 -28.05 26.43 14.54
N GLN B 268 -27.07 26.14 15.38
CA GLN B 268 -25.96 27.06 15.61
C GLN B 268 -24.76 26.26 16.07
N GLU B 269 -23.57 26.81 15.83
CA GLU B 269 -22.35 26.12 16.22
C GLU B 269 -22.28 25.98 17.74
N LEU B 270 -21.71 24.88 18.19
CA LEU B 270 -21.66 24.56 19.61
C LEU B 270 -20.27 24.76 20.21
N MET B 271 -19.25 24.11 19.65
CA MET B 271 -17.91 24.12 20.22
C MET B 271 -16.88 24.28 19.12
N THR B 272 -16.18 25.42 19.11
CA THR B 272 -15.16 25.70 18.10
C THR B 272 -13.81 25.24 18.66
N TYR B 273 -13.32 24.12 18.16
CA TYR B 273 -12.01 23.62 18.57
C TYR B 273 -10.92 24.37 17.81
N SER B 274 -9.95 24.90 18.54
CA SER B 274 -8.89 25.69 17.94
C SER B 274 -7.66 25.65 18.82
N HIS B 275 -6.52 25.97 18.21
CA HIS B 275 -5.26 26.08 18.93
C HIS B 275 -4.32 26.98 18.13
N ASP B 276 -3.60 27.85 18.82
CA ASP B 276 -2.75 28.82 18.13
C ASP B 276 -1.59 28.14 17.42
N ASN B 277 -0.99 27.12 18.04
CA ASN B 277 0.23 26.53 17.50
C ASN B 277 -0.02 25.86 16.15
N ILE B 278 -1.13 25.18 16.00
CA ILE B 278 -1.39 24.40 14.80
C ILE B 278 -1.71 25.33 13.64
N ILE B 279 -1.01 25.13 12.52
CA ILE B 279 -1.31 25.83 11.28
C ILE B 279 -1.28 24.82 10.15
N CYS B 280 -2.45 24.29 9.79
CA CYS B 280 -2.53 23.21 8.81
C CYS B 280 -3.99 23.07 8.39
N GLY B 281 -4.30 21.98 7.69
CA GLY B 281 -5.65 21.67 7.29
C GLY B 281 -6.24 20.48 8.03
N ILE B 282 -7.32 19.96 7.45
CA ILE B 282 -8.03 18.81 8.00
C ILE B 282 -8.38 17.88 6.84
N THR B 283 -8.21 16.58 7.05
CA THR B 283 -8.47 15.59 5.99
C THR B 283 -9.56 14.59 6.32
N SER B 284 -9.75 14.22 7.59
CA SER B 284 -10.79 13.26 7.93
C SER B 284 -11.04 13.31 9.43
N VAL B 285 -12.28 13.04 9.82
CA VAL B 285 -12.68 12.99 11.22
C VAL B 285 -13.57 11.77 11.44
N SER B 286 -13.69 11.38 12.71
CA SER B 286 -14.53 10.25 13.11
C SER B 286 -14.74 10.30 14.61
N PHE B 287 -15.94 9.94 15.06
CA PHE B 287 -16.25 9.95 16.47
C PHE B 287 -15.79 8.65 17.13
N SER B 288 -16.12 8.50 18.40
CA SER B 288 -15.84 7.29 19.16
C SER B 288 -17.12 6.50 19.38
N LYS B 289 -16.99 5.33 20.02
CA LYS B 289 -18.15 4.50 20.27
C LYS B 289 -19.14 5.19 21.19
N SER B 290 -18.64 5.82 22.25
CA SER B 290 -19.50 6.52 23.20
C SER B 290 -19.63 8.00 22.89
N GLY B 291 -19.03 8.46 21.79
CA GLY B 291 -19.10 9.87 21.46
C GLY B 291 -18.37 10.76 22.44
N ARG B 292 -17.20 10.36 22.90
CA ARG B 292 -16.38 11.18 23.77
C ARG B 292 -15.02 11.51 23.20
N LEU B 293 -14.47 10.65 22.32
CA LEU B 293 -13.21 10.92 21.65
C LEU B 293 -13.52 11.35 20.22
N LEU B 294 -13.00 12.52 19.83
CA LEU B 294 -13.25 13.11 18.53
C LEU B 294 -11.94 13.04 17.74
N LEU B 295 -11.80 11.99 16.93
CA LEU B 295 -10.58 11.76 16.18
C LEU B 295 -10.57 12.59 14.90
N ALA B 296 -9.36 12.88 14.43
CA ALA B 296 -9.19 13.67 13.22
C ALA B 296 -7.83 13.39 12.60
N GLY B 297 -7.73 13.62 11.30
CA GLY B 297 -6.48 13.45 10.59
C GLY B 297 -6.07 14.71 9.85
N TYR B 298 -4.95 15.31 10.24
CA TYR B 298 -4.51 16.58 9.71
C TYR B 298 -3.58 16.37 8.53
N ASP B 299 -3.39 17.43 7.74
CA ASP B 299 -2.46 17.37 6.62
C ASP B 299 -1.06 17.60 7.14
N ASP B 300 -0.69 16.87 8.18
CA ASP B 300 0.59 17.02 8.84
C ASP B 300 1.08 15.63 9.19
N PHE B 301 2.09 15.55 10.06
CA PHE B 301 2.72 14.28 10.37
C PHE B 301 2.18 13.68 11.65
N ASN B 302 0.89 13.87 11.93
CA ASN B 302 0.28 13.42 13.16
C ASN B 302 -1.21 13.18 12.91
N CYS B 303 -1.91 12.78 13.97
CA CYS B 303 -3.36 12.58 13.93
C CYS B 303 -3.93 13.17 15.21
N ASN B 304 -4.30 14.46 15.15
CA ASN B 304 -4.75 15.15 16.34
C ASN B 304 -6.08 14.58 16.83
N VAL B 305 -6.23 14.51 18.15
CA VAL B 305 -7.41 13.96 18.79
C VAL B 305 -7.95 15.00 19.76
N TRP B 306 -9.26 15.23 19.72
CA TRP B 306 -9.88 16.26 20.55
C TRP B 306 -10.99 15.67 21.40
N ASP B 307 -11.29 16.37 22.49
CA ASP B 307 -12.39 15.98 23.36
C ASP B 307 -13.73 16.31 22.70
N ALA B 308 -14.78 15.64 23.18
CA ALA B 308 -16.10 15.81 22.62
C ALA B 308 -16.61 17.24 22.78
N LEU B 309 -16.80 17.66 24.03
CA LEU B 309 -17.31 18.99 24.32
C LEU B 309 -16.50 19.74 25.37
N LYS B 310 -15.47 19.11 25.93
CA LYS B 310 -14.66 19.76 26.96
C LYS B 310 -13.71 20.79 26.36
N ALA B 311 -13.50 20.78 25.05
CA ALA B 311 -12.75 21.80 24.33
C ALA B 311 -11.32 21.93 24.85
N ASP B 312 -10.55 20.87 24.69
CA ASP B 312 -9.14 20.89 25.01
C ASP B 312 -8.40 19.96 24.05
N ARG B 313 -7.27 20.44 23.54
CA ARG B 313 -6.41 19.66 22.65
C ARG B 313 -5.64 18.66 23.49
N ALA B 314 -6.25 17.50 23.71
CA ALA B 314 -5.70 16.48 24.59
C ALA B 314 -4.93 15.41 23.84
N GLY B 315 -5.59 14.70 22.92
CA GLY B 315 -4.99 13.52 22.31
C GLY B 315 -4.08 13.86 21.15
N VAL B 316 -2.87 13.32 21.18
CA VAL B 316 -1.89 13.51 20.12
C VAL B 316 -1.35 12.14 19.73
N LEU B 317 -1.15 11.93 18.43
CA LEU B 317 -0.62 10.67 17.92
C LEU B 317 0.57 10.96 17.03
N ALA B 318 1.69 10.30 17.32
CA ALA B 318 2.93 10.50 16.59
C ALA B 318 2.99 9.55 15.41
N GLY B 319 3.70 9.97 14.36
CA GLY B 319 3.80 9.21 13.14
C GLY B 319 2.50 9.24 12.36
N HIS B 320 2.59 8.90 11.09
CA HIS B 320 3.84 8.51 10.46
C HIS B 320 4.43 9.64 9.61
N ASP B 321 5.45 9.29 8.82
CA ASP B 321 6.32 10.28 8.20
C ASP B 321 5.55 11.30 7.37
N ASN B 322 4.72 10.83 6.44
CA ASN B 322 4.05 11.73 5.50
C ASN B 322 2.82 12.36 6.13
N ARG B 323 1.96 12.95 5.30
CA ARG B 323 0.72 13.53 5.77
C ARG B 323 -0.24 12.42 6.19
N VAL B 324 -1.47 12.79 6.53
CA VAL B 324 -2.49 11.84 6.94
C VAL B 324 -3.76 12.12 6.14
N SER B 325 -4.34 11.09 5.54
CA SER B 325 -5.50 11.24 4.67
C SER B 325 -6.80 10.77 5.30
N CYS B 326 -6.84 9.55 5.82
CA CYS B 326 -8.09 8.96 6.29
C CYS B 326 -7.88 8.25 7.61
N LEU B 327 -8.96 8.13 8.37
CA LEU B 327 -8.98 7.35 9.59
C LEU B 327 -10.42 6.98 9.93
N GLY B 328 -10.61 5.75 10.40
CA GLY B 328 -11.94 5.26 10.69
C GLY B 328 -12.03 4.35 11.91
N VAL B 329 -12.98 4.64 12.78
CA VAL B 329 -13.18 3.89 14.01
C VAL B 329 -14.13 2.73 13.73
N THR B 330 -13.87 1.59 14.38
CA THR B 330 -14.72 0.42 14.19
C THR B 330 -16.09 0.65 14.82
N ASP B 331 -17.03 -0.19 14.42
CA ASP B 331 -18.39 -0.14 14.96
C ASP B 331 -18.43 -0.46 16.45
N ASP B 332 -17.52 -1.30 16.94
CA ASP B 332 -17.49 -1.69 18.34
C ASP B 332 -16.50 -0.90 19.18
N GLY B 333 -15.51 -0.26 18.56
CA GLY B 333 -14.55 0.55 19.28
C GLY B 333 -13.34 -0.17 19.82
N MET B 334 -13.12 -1.43 19.44
CA MET B 334 -11.95 -2.14 19.92
C MET B 334 -10.66 -1.46 19.47
N ALA B 335 -10.62 -0.96 18.23
CA ALA B 335 -9.40 -0.37 17.72
C ALA B 335 -9.75 0.71 16.71
N VAL B 336 -8.72 1.45 16.29
CA VAL B 336 -8.84 2.46 15.25
C VAL B 336 -7.78 2.17 14.20
N ALA B 337 -8.02 2.69 13.00
CA ALA B 337 -7.16 2.43 11.87
C ALA B 337 -6.70 3.75 11.28
N THR B 338 -5.57 3.71 10.58
CA THR B 338 -5.03 4.88 9.90
C THR B 338 -4.31 4.43 8.64
N GLY B 339 -4.02 5.39 7.77
CA GLY B 339 -3.31 5.11 6.54
C GLY B 339 -3.24 6.36 5.68
N SER B 340 -2.09 6.59 5.05
CA SER B 340 -1.89 7.86 4.36
C SER B 340 -0.95 7.65 3.18
N TRP B 341 -0.35 8.74 2.71
CA TRP B 341 0.37 8.75 1.45
C TRP B 341 1.62 7.88 1.47
N ASP B 342 2.06 7.44 2.64
CA ASP B 342 3.27 6.63 2.72
C ASP B 342 3.03 5.15 2.49
N SER B 343 1.80 4.75 2.17
CA SER B 343 1.42 3.38 1.86
C SER B 343 1.51 2.45 3.06
N PHE B 344 1.54 2.99 4.27
CA PHE B 344 1.54 2.19 5.48
C PHE B 344 0.24 2.40 6.25
N LEU B 345 -0.28 1.32 6.82
CA LEU B 345 -1.48 1.39 7.65
C LEU B 345 -1.15 0.87 9.05
N LYS B 346 -1.55 1.63 10.05
CA LYS B 346 -1.26 1.29 11.43
C LYS B 346 -2.58 1.14 12.19
N ILE B 347 -2.59 0.20 13.13
CA ILE B 347 -3.74 -0.05 13.97
C ILE B 347 -3.39 0.37 15.38
N TRP B 348 -4.08 1.37 15.89
CA TRP B 348 -3.81 1.96 17.20
C TRP B 348 -4.86 1.47 18.19
N ASN B 349 -4.39 0.89 19.29
CA ASN B 349 -5.28 0.40 20.33
C ASN B 349 -4.92 1.06 21.67
N ILE C 9 -34.53 35.29 -11.60
CA ILE C 9 -35.94 34.97 -11.46
C ILE C 9 -36.10 33.57 -10.87
N ALA C 10 -35.60 32.56 -11.59
CA ALA C 10 -35.72 31.19 -11.12
C ALA C 10 -34.96 30.98 -9.81
N GLN C 11 -33.77 31.57 -9.69
CA GLN C 11 -32.98 31.38 -8.48
C GLN C 11 -33.69 31.96 -7.26
N ALA C 12 -34.29 33.15 -7.40
CA ALA C 12 -35.04 33.73 -6.29
C ALA C 12 -36.30 32.94 -6.00
N ARG C 13 -37.02 32.54 -7.05
CA ARG C 13 -38.24 31.76 -6.87
C ARG C 13 -37.97 30.45 -6.13
N LYS C 14 -36.79 29.87 -6.34
CA LYS C 14 -36.45 28.63 -5.64
C LYS C 14 -35.94 28.91 -4.23
N LEU C 15 -35.07 29.92 -4.07
CA LEU C 15 -34.46 30.18 -2.78
C LEU C 15 -35.49 30.65 -1.76
N VAL C 16 -36.44 31.48 -2.17
CA VAL C 16 -37.46 31.97 -1.25
C VAL C 16 -38.28 30.81 -0.71
N GLU C 17 -38.70 29.89 -1.59
CA GLU C 17 -39.45 28.73 -1.16
C GLU C 17 -38.61 27.80 -0.29
N GLN C 18 -37.31 27.67 -0.58
CA GLN C 18 -36.45 26.81 0.21
C GLN C 18 -36.26 27.36 1.61
N LEU C 19 -36.10 28.68 1.74
CA LEU C 19 -35.71 29.27 3.02
C LEU C 19 -36.80 29.13 4.08
N LYS C 20 -38.07 29.12 3.68
CA LYS C 20 -39.14 29.00 4.66
C LYS C 20 -39.14 27.64 5.34
N MET C 21 -38.75 26.58 4.61
CA MET C 21 -38.64 25.25 5.22
C MET C 21 -37.61 25.24 6.34
N GLU C 22 -36.46 25.88 6.12
CA GLU C 22 -35.46 25.98 7.18
C GLU C 22 -35.90 26.93 8.29
N ALA C 23 -36.71 27.94 7.94
CA ALA C 23 -37.23 28.84 8.96
C ALA C 23 -38.20 28.14 9.89
N ASN C 24 -38.96 27.16 9.39
CA ASN C 24 -39.95 26.45 10.19
C ASN C 24 -39.19 25.49 11.10
N ILE C 25 -38.64 26.04 12.18
CA ILE C 25 -37.88 25.29 13.18
C ILE C 25 -38.28 25.77 14.56
N ASP C 26 -38.01 24.94 15.57
CA ASP C 26 -38.76 25.02 16.82
C ASP C 26 -38.47 26.31 17.59
N ARG C 27 -37.23 26.55 18.04
CA ARG C 27 -36.05 25.67 18.04
C ARG C 27 -35.86 25.10 19.43
N ILE C 28 -35.23 23.92 19.51
CA ILE C 28 -34.93 23.32 20.80
C ILE C 28 -33.81 24.12 21.47
N LYS C 29 -33.87 24.22 22.80
CA LYS C 29 -32.94 25.05 23.54
C LYS C 29 -31.57 24.39 23.64
N VAL C 30 -30.53 25.22 23.48
CA VAL C 30 -29.16 24.72 23.48
C VAL C 30 -28.78 24.17 24.85
N SER C 31 -29.35 24.73 25.92
CA SER C 31 -29.05 24.22 27.25
C SER C 31 -29.48 22.77 27.40
N LYS C 32 -30.73 22.47 27.05
CA LYS C 32 -31.19 21.09 27.15
C LYS C 32 -30.54 20.20 26.10
N ALA C 33 -30.17 20.75 24.95
CA ALA C 33 -29.44 19.95 23.96
C ALA C 33 -28.09 19.51 24.52
N ALA C 34 -27.36 20.45 25.13
CA ALA C 34 -26.08 20.10 25.75
C ALA C 34 -26.26 19.14 26.90
N ALA C 35 -27.33 19.33 27.68
CA ALA C 35 -27.61 18.40 28.78
C ALA C 35 -27.86 16.99 28.26
N ASP C 36 -28.64 16.86 27.19
CA ASP C 36 -28.87 15.54 26.59
C ASP C 36 -27.57 14.95 26.09
N LEU C 37 -26.71 15.76 25.47
CA LEU C 37 -25.45 15.26 24.96
C LEU C 37 -24.56 14.73 26.07
N MET C 38 -24.42 15.51 27.16
CA MET C 38 -23.56 15.07 28.25
C MET C 38 -24.13 13.83 28.92
N ALA C 39 -25.46 13.78 29.09
CA ALA C 39 -26.08 12.61 29.68
C ALA C 39 -25.83 11.37 28.83
N TYR C 40 -25.98 11.50 27.50
CA TYR C 40 -25.79 10.36 26.61
C TYR C 40 -24.34 9.88 26.66
N CYS C 41 -23.39 10.81 26.55
CA CYS C 41 -21.99 10.40 26.53
C CYS C 41 -21.58 9.78 27.86
N GLU C 42 -22.03 10.35 28.97
CA GLU C 42 -21.72 9.77 30.28
C GLU C 42 -22.34 8.37 30.42
N ALA C 43 -23.57 8.21 29.94
CA ALA C 43 -24.23 6.91 30.04
C ALA C 43 -23.50 5.85 29.21
N HIS C 44 -23.07 6.21 28.01
CA HIS C 44 -22.43 5.25 27.12
C HIS C 44 -20.93 5.13 27.33
N ALA C 45 -20.35 5.95 28.22
CA ALA C 45 -18.91 5.90 28.45
C ALA C 45 -18.43 4.61 29.08
N LYS C 46 -19.34 3.76 29.56
CA LYS C 46 -18.96 2.51 30.21
C LYS C 46 -18.69 1.39 29.21
N GLU C 47 -18.80 1.63 27.91
CA GLU C 47 -18.66 0.59 26.90
C GLU C 47 -17.38 0.70 26.09
N ASP C 48 -17.07 1.89 25.57
CA ASP C 48 -15.89 2.03 24.72
C ASP C 48 -14.63 1.81 25.54
N PRO C 49 -13.64 1.11 24.99
CA PRO C 49 -12.42 0.80 25.75
C PRO C 49 -11.33 1.85 25.69
N LEU C 50 -11.45 2.87 24.84
CA LEU C 50 -10.40 3.87 24.72
C LEU C 50 -10.29 4.71 25.99
N LEU C 51 -11.41 4.94 26.67
CA LEU C 51 -11.38 5.67 27.94
C LEU C 51 -10.57 4.90 28.98
N THR C 52 -11.05 3.73 29.37
CA THR C 52 -10.38 2.89 30.34
C THR C 52 -9.80 1.67 29.62
N PRO C 53 -8.48 1.53 29.55
CA PRO C 53 -7.91 0.40 28.82
C PRO C 53 -8.37 -0.93 29.41
N VAL C 54 -8.74 -1.85 28.52
CA VAL C 54 -9.17 -3.18 28.91
C VAL C 54 -7.94 -3.99 29.30
N PRO C 55 -8.09 -5.09 30.04
CA PRO C 55 -6.93 -5.94 30.33
C PRO C 55 -6.33 -6.50 29.05
N ALA C 56 -5.04 -6.84 29.13
CA ALA C 56 -4.35 -7.42 27.99
C ALA C 56 -5.02 -8.71 27.53
N SER C 57 -5.63 -9.44 28.47
CA SER C 57 -6.40 -10.62 28.10
C SER C 57 -7.69 -10.20 27.41
N GLU C 58 -8.24 -11.12 26.62
CA GLU C 58 -9.43 -10.91 25.79
C GLU C 58 -9.23 -9.78 24.77
N ASN C 59 -8.00 -9.34 24.55
CA ASN C 59 -7.73 -8.33 23.54
C ASN C 59 -7.35 -9.01 22.23
N PRO C 60 -8.08 -8.77 21.14
CA PRO C 60 -7.70 -9.39 19.86
C PRO C 60 -6.33 -8.97 19.37
N PHE C 61 -5.80 -7.84 19.83
CA PHE C 61 -4.51 -7.34 19.40
C PHE C 61 -3.51 -7.43 20.55
N ARG C 62 -2.40 -8.09 20.31
CA ARG C 62 -1.36 -8.28 21.32
C ARG C 62 -0.46 -7.06 21.40
N TYR D 43 57.45 -1.73 21.98
CA TYR D 43 56.80 -2.58 22.97
C TYR D 43 55.62 -1.88 23.61
N SER D 44 55.82 -0.62 24.00
CA SER D 44 54.78 0.22 24.60
C SER D 44 54.23 -0.43 25.87
N LEU D 45 55.11 -0.57 26.85
CA LEU D 45 54.77 -1.30 28.07
C LEU D 45 53.57 -0.69 28.78
N GLN D 46 53.52 0.64 28.88
CA GLN D 46 52.47 1.31 29.63
C GLN D 46 51.34 1.84 28.76
N VAL D 47 51.64 2.24 27.52
CA VAL D 47 50.65 2.90 26.67
C VAL D 47 49.63 1.92 26.10
N THR D 48 49.85 0.61 26.29
CA THR D 48 48.91 -0.38 25.76
C THR D 48 47.48 -0.13 26.22
N LEU D 49 47.31 0.42 27.42
CA LEU D 49 45.96 0.79 27.86
C LEU D 49 45.33 1.80 26.93
N THR D 50 46.07 2.86 26.57
CA THR D 50 45.54 3.84 25.64
C THR D 50 45.32 3.23 24.26
N LEU D 51 46.23 2.36 23.83
CA LEU D 51 46.08 1.73 22.52
C LEU D 51 44.81 0.90 22.44
N VAL D 52 44.58 0.05 23.44
CA VAL D 52 43.40 -0.79 23.42
C VAL D 52 42.14 0.05 23.58
N CYS D 53 42.20 1.13 24.37
CA CYS D 53 41.04 2.00 24.50
C CYS D 53 40.68 2.65 23.18
N LEU D 54 41.67 3.17 22.45
CA LEU D 54 41.36 3.83 21.18
C LEU D 54 40.90 2.82 20.13
N ALA D 55 41.48 1.62 20.13
CA ALA D 55 41.02 0.60 19.19
C ALA D 55 39.58 0.18 19.48
N GLY D 56 39.24 0.00 20.75
CA GLY D 56 37.86 -0.32 21.10
C GLY D 56 36.92 0.81 20.73
N LEU D 57 37.36 2.05 20.92
CA LEU D 57 36.54 3.18 20.50
C LEU D 57 36.30 3.16 19.00
N LEU D 58 37.34 2.87 18.22
CA LEU D 58 37.19 2.79 16.77
C LEU D 58 36.20 1.70 16.38
N MET D 59 36.33 0.52 16.99
CA MET D 59 35.45 -0.59 16.64
C MET D 59 34.00 -0.28 17.01
N LEU D 60 33.77 0.32 18.18
CA LEU D 60 32.40 0.63 18.56
C LEU D 60 31.81 1.70 17.67
N LEU D 61 32.60 2.71 17.29
CA LEU D 61 32.09 3.73 16.39
C LEU D 61 31.72 3.16 15.03
N THR D 62 32.58 2.29 14.47
CA THR D 62 32.27 1.76 13.15
C THR D 62 31.06 0.83 13.18
N VAL D 63 30.95 -0.01 14.22
CA VAL D 63 29.79 -0.90 14.28
C VAL D 63 28.52 -0.09 14.51
N PHE D 64 28.60 0.99 15.31
CA PHE D 64 27.45 1.84 15.52
C PHE D 64 26.99 2.48 14.22
N GLY D 65 27.92 3.06 13.48
CA GLY D 65 27.56 3.68 12.20
C GLY D 65 26.96 2.68 11.22
N ASN D 66 27.55 1.49 11.16
CA ASN D 66 27.08 0.51 10.18
C ASN D 66 25.70 -0.04 10.55
N VAL D 67 25.47 -0.35 11.83
CA VAL D 67 24.13 -0.82 12.20
C VAL D 67 23.12 0.30 12.00
N LEU D 68 23.53 1.54 12.26
CA LEU D 68 22.62 2.66 12.03
C LEU D 68 22.23 2.77 10.56
N VAL D 69 23.20 2.65 9.66
CA VAL D 69 22.87 2.78 8.24
C VAL D 69 22.02 1.61 7.76
N ILE D 70 22.28 0.41 8.30
CA ILE D 70 21.47 -0.75 7.93
C ILE D 70 20.02 -0.56 8.38
N ILE D 71 19.84 -0.12 9.63
CA ILE D 71 18.50 0.11 10.14
C ILE D 71 17.81 1.21 9.33
N ALA D 72 18.56 2.24 8.94
CA ALA D 72 17.98 3.33 8.17
C ALA D 72 17.54 2.84 6.80
N VAL D 73 18.38 2.05 6.11
CA VAL D 73 18.00 1.59 4.78
C VAL D 73 16.81 0.64 4.85
N PHE D 74 16.72 -0.17 5.89
CA PHE D 74 15.48 -0.91 6.08
C PHE D 74 14.38 0.00 6.61
N THR D 75 13.14 -0.40 6.34
CA THR D 75 11.94 0.28 6.84
C THR D 75 11.95 1.76 6.48
N SER D 76 12.02 2.04 5.19
CA SER D 76 11.96 3.41 4.69
C SER D 76 11.50 3.37 3.24
N ARG D 77 10.25 3.74 3.00
CA ARG D 77 9.65 3.64 1.66
C ARG D 77 10.39 4.42 0.59
N ALA D 78 10.79 5.64 0.91
CA ALA D 78 11.54 6.43 -0.06
C ALA D 78 12.90 5.79 -0.35
N LEU D 79 13.55 5.28 0.70
CA LEU D 79 14.83 4.61 0.53
C LEU D 79 14.69 3.29 -0.22
N LYS D 80 13.50 2.70 -0.25
CA LYS D 80 13.31 1.43 -0.92
C LYS D 80 13.60 1.55 -2.41
N ALA D 81 14.71 0.97 -2.84
CA ALA D 81 15.14 1.02 -4.22
C ALA D 81 16.22 -0.02 -4.42
N PRO D 82 16.37 -0.57 -5.62
CA PRO D 82 17.43 -1.57 -5.84
C PRO D 82 18.83 -1.02 -5.64
N GLN D 83 19.01 0.30 -5.70
CA GLN D 83 20.34 0.89 -5.58
C GLN D 83 21.00 0.55 -4.26
N ASN D 84 20.25 0.61 -3.17
CA ASN D 84 20.82 0.59 -1.83
C ASN D 84 21.34 -0.77 -1.40
N LEU D 85 21.08 -1.83 -2.16
CA LEU D 85 21.53 -3.15 -1.76
C LEU D 85 23.05 -3.24 -1.72
N PHE D 86 23.73 -2.59 -2.65
CA PHE D 86 25.20 -2.58 -2.62
C PHE D 86 25.69 -1.92 -1.34
N LEU D 87 25.07 -0.82 -0.94
CA LEU D 87 25.44 -0.16 0.31
C LEU D 87 25.18 -1.08 1.49
N VAL D 88 24.08 -1.83 1.45
CA VAL D 88 23.77 -2.77 2.53
C VAL D 88 24.87 -3.81 2.64
N SER D 89 25.28 -4.38 1.51
CA SER D 89 26.33 -5.40 1.53
C SER D 89 27.65 -4.82 2.02
N LEU D 90 27.98 -3.60 1.59
CA LEU D 90 29.20 -2.96 2.05
C LEU D 90 29.18 -2.76 3.56
N ALA D 91 28.05 -2.28 4.09
CA ALA D 91 27.94 -2.08 5.53
C ALA D 91 28.06 -3.41 6.27
N SER D 92 27.47 -4.47 5.72
CA SER D 92 27.57 -5.78 6.36
C SER D 92 29.01 -6.26 6.42
N ALA D 93 29.73 -6.15 5.30
CA ALA D 93 31.13 -6.55 5.28
C ALA D 93 31.94 -5.71 6.27
N ASP D 94 31.63 -4.42 6.36
CA ASP D 94 32.28 -3.56 7.32
C ASP D 94 32.00 -3.97 8.76
N ILE D 95 30.78 -4.43 9.05
CA ILE D 95 30.48 -4.95 10.38
C ILE D 95 31.31 -6.18 10.69
N LEU D 96 31.32 -7.14 9.75
CA LEU D 96 32.00 -8.41 10.01
C LEU D 96 33.50 -8.22 10.17
N VAL D 97 34.12 -7.38 9.33
CA VAL D 97 35.57 -7.18 9.45
C VAL D 97 35.90 -6.56 10.80
N ALA D 98 35.11 -5.56 11.21
CA ALA D 98 35.36 -4.91 12.48
C ALA D 98 35.20 -5.89 13.64
N THR D 99 34.17 -6.73 13.61
CA THR D 99 33.90 -7.58 14.76
C THR D 99 34.77 -8.83 14.77
N LEU D 100 35.41 -9.16 13.66
CA LEU D 100 36.31 -10.32 13.63
C LEU D 100 37.78 -9.93 13.74
N VAL D 101 38.28 -9.13 12.81
CA VAL D 101 39.73 -8.96 12.70
C VAL D 101 40.28 -8.12 13.84
N ILE D 102 39.59 -7.03 14.18
CA ILE D 102 40.13 -6.08 15.16
C ILE D 102 40.49 -6.76 16.48
N PRO D 103 39.67 -7.65 17.06
CA PRO D 103 40.10 -8.29 18.31
C PRO D 103 41.42 -9.03 18.21
N PHE D 104 41.60 -9.86 17.18
CA PHE D 104 42.81 -10.67 17.10
C PHE D 104 44.02 -9.84 16.73
N SER D 105 43.86 -8.89 15.81
CA SER D 105 44.95 -7.99 15.49
C SER D 105 45.34 -7.15 16.71
N LEU D 106 44.35 -6.76 17.52
CA LEU D 106 44.64 -6.04 18.75
C LEU D 106 45.43 -6.94 19.72
N ALA D 107 45.01 -8.19 19.85
CA ALA D 107 45.74 -9.12 20.72
C ALA D 107 47.18 -9.27 20.25
N ASN D 108 47.39 -9.28 18.93
CA ASN D 108 48.73 -9.21 18.41
C ASN D 108 49.31 -7.82 18.61
N GLU D 109 50.65 -7.75 18.68
CA GLU D 109 51.42 -6.51 18.73
C GLU D 109 51.20 -5.72 20.01
N VAL D 110 50.54 -6.29 21.02
CA VAL D 110 50.44 -5.63 22.31
C VAL D 110 51.15 -6.49 23.35
N MET D 111 51.25 -7.79 23.07
CA MET D 111 51.97 -8.71 23.93
C MET D 111 53.25 -9.22 23.31
N GLY D 112 53.37 -9.20 21.99
CA GLY D 112 54.54 -9.72 21.32
C GLY D 112 54.58 -11.23 21.19
N TYR D 113 53.53 -11.93 21.61
CA TYR D 113 53.46 -13.37 21.52
C TYR D 113 52.12 -13.78 20.93
N TRP D 114 52.15 -14.73 20.00
CA TRP D 114 50.94 -15.34 19.45
C TRP D 114 50.41 -16.31 20.50
N TYR D 115 49.57 -15.79 21.40
CA TYR D 115 49.09 -16.58 22.53
C TYR D 115 48.26 -17.78 22.08
N PHE D 116 47.64 -17.71 20.91
CA PHE D 116 46.87 -18.83 20.40
C PHE D 116 47.81 -19.86 19.77
N GLY D 117 47.22 -20.94 19.24
CA GLY D 117 47.98 -21.98 18.60
C GLY D 117 48.25 -21.67 17.14
N LYS D 118 48.84 -22.65 16.45
CA LYS D 118 49.01 -22.52 15.01
C LYS D 118 47.65 -22.38 14.32
N ALA D 119 46.67 -23.17 14.75
CA ALA D 119 45.29 -22.89 14.43
C ALA D 119 44.78 -21.79 15.35
N TRP D 120 44.05 -20.83 14.80
CA TRP D 120 43.62 -20.86 13.40
C TRP D 120 44.10 -19.50 12.90
N CYS D 121 45.39 -19.42 12.58
CA CYS D 121 45.99 -18.14 12.20
C CYS D 121 45.82 -18.10 10.68
N GLU D 122 45.86 -19.26 10.02
CA GLU D 122 45.72 -19.28 8.57
C GLU D 122 44.34 -18.78 8.15
N ILE D 123 43.39 -19.31 8.87
CA ILE D 123 42.06 -18.96 8.63
C ILE D 123 41.96 -17.45 8.81
N TYR D 124 42.45 -17.03 9.96
CA TYR D 124 42.42 -15.63 10.37
C TYR D 124 42.91 -14.71 9.24
N LEU D 125 44.07 -15.04 8.67
CA LEU D 125 44.61 -14.24 7.58
C LEU D 125 43.68 -14.26 6.38
N ALA D 126 43.13 -15.43 6.05
CA ALA D 126 42.21 -15.53 4.93
C ALA D 126 40.98 -14.65 5.14
N LEU D 127 40.42 -14.68 6.35
CA LEU D 127 39.25 -13.86 6.66
C LEU D 127 39.59 -12.36 6.55
N ASP D 128 40.77 -11.99 7.05
CA ASP D 128 41.21 -10.60 7.02
C ASP D 128 41.37 -10.06 5.60
N VAL D 129 41.94 -10.84 4.69
CA VAL D 129 42.09 -10.39 3.31
C VAL D 129 40.76 -10.43 2.58
N LEU D 130 39.95 -11.45 2.84
CA LEU D 130 38.64 -11.54 2.21
C LEU D 130 37.80 -10.31 2.54
N PHE D 131 37.79 -9.90 3.80
CA PHE D 131 36.91 -8.82 4.20
C PHE D 131 37.41 -7.47 3.68
N CYS D 132 38.73 -7.26 3.70
CA CYS D 132 39.26 -6.02 3.12
C CYS D 132 38.91 -5.92 1.65
N THR D 133 39.13 -7.01 0.89
CA THR D 133 38.81 -6.98 -0.53
C THR D 133 37.32 -6.80 -0.76
N SER D 134 36.49 -7.39 0.10
CA SER D 134 35.05 -7.23 -0.04
C SER D 134 34.81 -5.72 0.00
N SER D 135 35.04 -5.11 1.16
CA SER D 135 34.88 -3.66 1.24
C SER D 135 35.32 -2.88 0.01
N ILE D 136 36.54 -3.13 -0.46
CA ILE D 136 37.06 -2.36 -1.58
C ILE D 136 36.22 -2.58 -2.82
N VAL D 137 35.89 -3.84 -3.12
CA VAL D 137 35.19 -4.10 -4.38
C VAL D 137 33.71 -3.74 -4.29
N HIS D 138 33.09 -3.74 -3.10
CA HIS D 138 31.76 -3.15 -3.00
C HIS D 138 31.79 -1.65 -3.28
N LEU D 139 32.82 -0.95 -2.80
CA LEU D 139 32.94 0.44 -3.20
C LEU D 139 33.08 0.56 -4.71
N CYS D 140 33.89 -0.32 -5.31
CA CYS D 140 34.04 -0.31 -6.76
C CYS D 140 32.70 -0.51 -7.46
N ALA D 141 31.93 -1.49 -7.00
CA ALA D 141 30.67 -1.82 -7.66
C ALA D 141 29.65 -0.68 -7.53
N ILE D 142 29.57 -0.07 -6.35
CA ILE D 142 28.59 1.01 -6.18
C ILE D 142 28.96 2.19 -7.07
N SER D 143 30.25 2.53 -7.16
CA SER D 143 30.62 3.63 -8.05
C SER D 143 30.35 3.28 -9.51
N LEU D 144 30.65 2.04 -9.91
CA LEU D 144 30.39 1.63 -11.28
C LEU D 144 28.91 1.71 -11.60
N ASP D 145 28.06 1.28 -10.67
CA ASP D 145 26.62 1.36 -10.89
C ASP D 145 26.16 2.81 -11.01
N ARG D 146 26.71 3.70 -10.24
CA ARG D 146 26.25 5.05 -10.43
C ARG D 146 26.64 5.53 -11.78
N TYR D 147 27.89 5.33 -12.14
CA TYR D 147 28.28 5.80 -13.48
C TYR D 147 27.37 5.21 -14.55
N TRP D 148 27.08 3.91 -14.46
CA TRP D 148 26.20 3.27 -15.43
C TRP D 148 24.83 3.92 -15.44
N SER D 149 24.37 4.38 -14.29
CA SER D 149 23.07 5.04 -14.22
C SER D 149 23.11 6.43 -14.81
N ILE D 150 24.17 7.19 -14.53
CA ILE D 150 24.27 8.55 -15.04
C ILE D 150 24.39 8.56 -16.55
N THR D 151 25.29 7.73 -17.09
CA THR D 151 25.49 7.69 -18.52
C THR D 151 24.50 6.74 -19.17
N GLN D 152 24.07 7.05 -20.40
CA GLN D 152 23.14 6.15 -21.09
C GLN D 152 21.88 5.81 -20.28
N ALA D 153 21.22 6.84 -19.76
CA ALA D 153 20.03 6.69 -18.94
C ALA D 153 18.79 6.02 -19.58
N ILE D 154 18.55 6.28 -20.85
CA ILE D 154 17.35 5.73 -21.52
C ILE D 154 17.29 4.19 -21.55
N GLU D 155 18.42 3.54 -21.83
CA GLU D 155 18.47 2.09 -21.87
C GLU D 155 18.71 1.45 -20.50
N TYR D 156 19.50 2.10 -19.64
CA TYR D 156 19.88 1.57 -18.37
C TYR D 156 18.85 1.45 -17.34
N ASN D 157 18.00 2.43 -17.20
CA ASN D 157 17.06 2.35 -16.11
C ASN D 157 16.26 1.11 -16.23
N LEU D 158 16.25 0.52 -17.41
CA LEU D 158 15.52 -0.70 -17.57
C LEU D 158 16.01 -1.88 -16.71
N LYS D 159 17.30 -2.14 -16.67
CA LYS D 159 17.80 -3.33 -15.99
C LYS D 159 18.05 -3.36 -14.51
N ARG D 160 17.68 -2.32 -13.77
CA ARG D 160 17.96 -2.32 -12.35
C ARG D 160 16.92 -3.14 -11.61
N THR D 161 17.08 -4.46 -11.66
CA THR D 161 16.13 -5.34 -10.99
C THR D 161 16.85 -6.09 -9.87
N PRO D 162 16.27 -6.08 -8.68
CA PRO D 162 16.92 -6.76 -7.55
C PRO D 162 17.60 -8.06 -7.94
N ARG D 163 17.07 -8.77 -8.94
CA ARG D 163 17.72 -9.99 -9.40
C ARG D 163 19.14 -9.72 -9.87
N ARG D 164 19.30 -8.76 -10.77
CA ARG D 164 20.62 -8.46 -11.30
C ARG D 164 21.56 -7.95 -10.21
N ILE D 165 21.05 -7.11 -9.31
CA ILE D 165 21.90 -6.53 -8.28
C ILE D 165 22.30 -7.59 -7.25
N LYS D 166 21.37 -8.48 -6.89
CA LYS D 166 21.73 -9.58 -6.01
C LYS D 166 22.75 -10.49 -6.68
N ALA D 167 22.62 -10.70 -7.99
CA ALA D 167 23.62 -11.48 -8.72
C ALA D 167 24.98 -10.81 -8.64
N ILE D 168 25.02 -9.48 -8.78
CA ILE D 168 26.29 -8.76 -8.70
C ILE D 168 26.89 -8.89 -7.31
N ILE D 169 26.05 -8.84 -6.27
CA ILE D 169 26.55 -9.00 -4.90
C ILE D 169 27.15 -10.40 -4.71
N ILE D 170 26.45 -11.42 -5.22
CA ILE D 170 26.99 -12.77 -5.16
C ILE D 170 28.35 -12.73 -5.84
N THR D 171 28.40 -12.26 -7.08
CA THR D 171 29.65 -12.23 -7.82
C THR D 171 30.80 -11.55 -7.08
N VAL D 172 30.53 -10.42 -6.43
CA VAL D 172 31.61 -9.72 -5.73
C VAL D 172 32.06 -10.53 -4.52
N TRP D 173 31.13 -11.15 -3.80
CA TRP D 173 31.54 -12.01 -2.70
C TRP D 173 32.38 -13.18 -3.19
N VAL D 174 31.98 -13.79 -4.31
CA VAL D 174 32.73 -14.92 -4.85
C VAL D 174 34.13 -14.43 -5.18
N ILE D 175 34.25 -13.41 -6.05
CA ILE D 175 35.57 -12.95 -6.42
C ILE D 175 36.46 -12.58 -5.24
N SER D 176 35.90 -11.97 -4.20
CA SER D 176 36.68 -11.71 -2.99
C SER D 176 37.16 -13.01 -2.36
N ALA D 177 36.28 -14.01 -2.29
CA ALA D 177 36.67 -15.30 -1.73
C ALA D 177 37.75 -15.96 -2.57
N VAL D 178 37.66 -15.86 -3.89
CA VAL D 178 38.69 -16.43 -4.75
C VAL D 178 40.03 -15.76 -4.51
N ILE D 179 40.02 -14.43 -4.38
CA ILE D 179 41.26 -13.72 -4.09
C ILE D 179 41.85 -14.17 -2.76
N SER D 180 40.99 -14.39 -1.78
CA SER D 180 41.46 -14.77 -0.44
C SER D 180 41.75 -16.25 -0.28
N PHE D 181 41.41 -17.08 -1.27
CA PHE D 181 41.53 -18.53 -1.09
C PHE D 181 42.96 -19.00 -0.86
N PRO D 182 43.96 -18.62 -1.67
CA PRO D 182 45.31 -19.12 -1.43
C PRO D 182 45.90 -18.48 -0.18
N PRO D 183 46.85 -19.14 0.49
CA PRO D 183 47.41 -20.45 0.13
C PRO D 183 46.56 -21.62 0.63
N LEU D 184 45.43 -21.32 1.26
CA LEU D 184 44.54 -22.36 1.76
C LEU D 184 43.89 -23.13 0.62
N GLU D 200 55.19 -16.20 20.79
CA GLU D 200 56.28 -17.11 20.43
C GLU D 200 56.19 -17.64 19.00
N PRO D 201 55.01 -18.13 18.56
CA PRO D 201 54.92 -18.61 17.17
C PRO D 201 55.23 -17.55 16.14
N ARG D 202 54.88 -16.29 16.43
CA ARG D 202 55.13 -15.17 15.53
C ARG D 202 54.46 -15.39 14.17
N CYS D 203 53.14 -15.54 14.20
CA CYS D 203 52.36 -15.68 12.98
C CYS D 203 52.10 -14.29 12.41
N GLU D 204 52.82 -13.94 11.35
CA GLU D 204 52.75 -12.61 10.76
C GLU D 204 52.26 -12.73 9.33
N ILE D 205 52.04 -11.58 8.69
CA ILE D 205 51.44 -11.55 7.36
C ILE D 205 52.31 -12.27 6.36
N ASN D 206 51.68 -13.00 5.43
CA ASN D 206 52.42 -13.77 4.45
C ASN D 206 53.22 -12.86 3.53
N ASP D 207 54.31 -13.39 2.98
CA ASP D 207 55.19 -12.61 2.12
C ASP D 207 55.64 -13.40 0.90
N GLN D 208 54.80 -14.29 0.40
CA GLN D 208 55.14 -15.04 -0.81
C GLN D 208 55.24 -14.08 -2.00
N LYS D 209 56.35 -14.18 -2.73
CA LYS D 209 56.63 -13.21 -3.78
C LYS D 209 55.57 -13.23 -4.87
N TRP D 210 55.16 -14.42 -5.31
CA TRP D 210 54.11 -14.52 -6.30
C TRP D 210 52.78 -14.05 -5.73
N TYR D 211 52.50 -14.37 -4.46
CA TYR D 211 51.21 -14.02 -3.87
C TYR D 211 51.14 -12.54 -3.55
N VAL D 212 52.23 -11.95 -3.05
CA VAL D 212 52.17 -10.59 -2.53
C VAL D 212 51.79 -9.60 -3.62
N ILE D 213 52.44 -9.69 -4.79
CA ILE D 213 52.22 -8.70 -5.83
C ILE D 213 50.83 -8.86 -6.44
N SER D 214 50.43 -10.10 -6.74
CA SER D 214 49.13 -10.32 -7.33
C SER D 214 48.02 -9.89 -6.39
N SER D 215 48.14 -10.25 -5.11
CA SER D 215 47.14 -9.84 -4.14
C SER D 215 47.09 -8.33 -4.01
N CYS D 216 48.25 -7.67 -3.98
CA CYS D 216 48.26 -6.21 -3.86
C CYS D 216 47.56 -5.56 -5.03
N ILE D 217 47.92 -5.96 -6.26
CA ILE D 217 47.31 -5.33 -7.43
C ILE D 217 45.81 -5.59 -7.45
N GLY D 218 45.38 -6.83 -7.20
CA GLY D 218 43.97 -7.16 -7.25
C GLY D 218 43.17 -6.45 -6.18
N SER D 219 43.76 -6.27 -5.00
CA SER D 219 43.04 -5.62 -3.91
C SER D 219 42.98 -4.11 -4.07
N PHE D 220 44.00 -3.50 -4.66
CA PHE D 220 44.09 -2.04 -4.63
C PHE D 220 44.04 -1.39 -6.00
N PHE D 221 44.89 -1.82 -6.94
CA PHE D 221 45.20 -0.96 -8.08
C PHE D 221 44.02 -0.83 -9.03
N ALA D 222 43.39 -1.94 -9.37
CA ALA D 222 42.25 -1.87 -10.30
C ALA D 222 41.10 -1.04 -9.73
N PRO D 223 40.60 -1.26 -8.51
CA PRO D 223 39.51 -0.43 -8.00
C PRO D 223 39.86 1.05 -7.94
N CYS D 224 41.10 1.36 -7.57
CA CYS D 224 41.49 2.77 -7.45
C CYS D 224 41.43 3.47 -8.79
N LEU D 225 42.01 2.85 -9.82
CA LEU D 225 41.99 3.47 -11.14
C LEU D 225 40.57 3.53 -11.69
N ILE D 226 39.74 2.52 -11.40
CA ILE D 226 38.37 2.57 -11.88
C ILE D 226 37.60 3.72 -11.23
N MET D 227 37.78 3.90 -9.92
CA MET D 227 37.16 5.05 -9.25
C MET D 227 37.66 6.35 -9.83
N ILE D 228 38.96 6.48 -10.05
CA ILE D 228 39.50 7.72 -10.58
C ILE D 228 38.87 8.02 -11.93
N LEU D 229 38.87 7.03 -12.83
CA LEU D 229 38.34 7.25 -14.17
C LEU D 229 36.87 7.61 -14.11
N VAL D 230 36.09 6.85 -13.34
CA VAL D 230 34.65 7.07 -13.28
C VAL D 230 34.32 8.45 -12.74
N TYR D 231 34.97 8.83 -11.64
CA TYR D 231 34.61 10.10 -11.02
C TYR D 231 35.13 11.29 -11.80
N VAL D 232 36.29 11.15 -12.48
CA VAL D 232 36.71 12.22 -13.38
C VAL D 232 35.71 12.38 -14.52
N ARG D 233 35.23 11.26 -15.07
CA ARG D 233 34.24 11.34 -16.14
C ARG D 233 32.97 12.02 -15.66
N ILE D 234 32.50 11.65 -14.46
CA ILE D 234 31.27 12.25 -13.93
C ILE D 234 31.46 13.73 -13.67
N TYR D 235 32.62 14.12 -13.11
CA TYR D 235 32.86 15.53 -12.86
C TYR D 235 32.90 16.32 -14.16
N GLN D 236 33.56 15.77 -15.18
CA GLN D 236 33.59 16.44 -16.48
C GLN D 236 32.19 16.62 -17.05
N ILE D 237 31.37 15.57 -16.99
CA ILE D 237 30.02 15.65 -17.52
C ILE D 237 29.19 16.67 -16.75
N ALA D 238 29.29 16.66 -15.43
CA ALA D 238 28.52 17.59 -14.62
C ALA D 238 28.93 19.03 -14.88
N LYS D 239 30.24 19.27 -15.00
CA LYS D 239 30.70 20.62 -15.31
C LYS D 239 30.22 21.06 -16.68
N ARG D 240 30.29 20.17 -17.67
CA ARG D 240 29.87 20.52 -19.03
C ARG D 240 28.38 20.85 -19.07
N ARG D 241 27.56 20.02 -18.43
CA ARG D 241 26.11 20.26 -18.46
C ARG D 241 25.76 21.58 -17.80
N THR D 242 26.37 21.88 -16.66
CA THR D 242 26.14 23.14 -15.96
C THR D 242 27.17 24.14 -16.46
N ARG D 243 26.93 24.66 -17.66
CA ARG D 243 27.83 25.62 -18.30
C ARG D 243 27.91 26.91 -17.50
N SER D 375 20.51 36.55 -10.34
CA SER D 375 19.47 35.80 -11.02
C SER D 375 19.65 34.31 -10.84
N ARG D 376 19.71 33.88 -9.59
CA ARG D 376 19.84 32.47 -9.19
C ARG D 376 21.15 31.84 -9.64
N TRP D 377 22.12 32.64 -10.08
CA TRP D 377 23.45 32.12 -10.39
C TRP D 377 24.30 31.95 -9.13
N ARG D 378 23.72 32.38 -8.02
CA ARG D 378 24.33 32.46 -6.70
C ARG D 378 24.88 31.22 -6.01
N GLY D 379 24.26 30.05 -6.15
CA GLY D 379 23.14 29.70 -6.99
C GLY D 379 23.72 28.56 -7.80
N ARG D 380 23.83 28.77 -9.12
CA ARG D 380 24.52 27.79 -9.97
C ARG D 380 25.98 27.65 -9.56
N GLN D 381 26.67 28.77 -9.31
CA GLN D 381 28.07 28.71 -8.92
C GLN D 381 28.26 27.98 -7.60
N ASN D 382 27.41 28.26 -6.62
CA ASN D 382 27.46 27.57 -5.34
C ASN D 382 27.22 26.07 -5.50
N ARG D 383 26.22 25.69 -6.32
CA ARG D 383 25.99 24.26 -6.54
C ARG D 383 27.20 23.62 -7.21
N GLU D 384 27.81 24.32 -8.16
CA GLU D 384 28.99 23.79 -8.83
C GLU D 384 30.12 23.54 -7.84
N LYS D 385 30.43 24.54 -7.02
CA LYS D 385 31.49 24.38 -6.04
C LYS D 385 31.16 23.27 -5.05
N ARG D 386 29.88 23.17 -4.65
CA ARG D 386 29.50 22.16 -3.67
C ARG D 386 29.68 20.75 -4.22
N PHE D 387 29.24 20.51 -5.46
CA PHE D 387 29.38 19.14 -5.95
C PHE D 387 30.84 18.83 -6.27
N THR D 388 31.60 19.83 -6.70
CA THR D 388 33.03 19.63 -6.86
C THR D 388 33.67 19.21 -5.53
N PHE D 389 33.30 19.90 -4.45
CA PHE D 389 33.83 19.58 -3.14
C PHE D 389 33.45 18.18 -2.69
N VAL D 390 32.18 17.79 -2.90
CA VAL D 390 31.76 16.47 -2.41
C VAL D 390 32.42 15.35 -3.20
N LEU D 391 32.52 15.51 -4.53
CA LEU D 391 33.22 14.50 -5.30
C LEU D 391 34.69 14.43 -4.89
N ALA D 392 35.30 15.59 -4.65
CA ALA D 392 36.69 15.61 -4.23
C ALA D 392 36.89 14.86 -2.92
N VAL D 393 36.02 15.11 -1.94
CA VAL D 393 36.22 14.47 -0.64
C VAL D 393 35.97 12.96 -0.74
N VAL D 394 34.96 12.56 -1.52
CA VAL D 394 34.69 11.13 -1.66
C VAL D 394 35.86 10.42 -2.32
N ILE D 395 36.41 11.00 -3.38
CA ILE D 395 37.52 10.32 -4.04
C ILE D 395 38.81 10.46 -3.25
N GLY D 396 38.90 11.43 -2.35
CA GLY D 396 40.14 11.69 -1.64
C GLY D 396 40.33 10.94 -0.35
N VAL D 397 39.27 10.77 0.43
CA VAL D 397 39.39 10.04 1.70
C VAL D 397 39.86 8.62 1.44
N PHE D 398 39.22 7.97 0.46
CA PHE D 398 39.59 6.60 0.11
C PHE D 398 41.07 6.48 -0.25
N VAL D 399 41.55 7.35 -1.14
CA VAL D 399 42.93 7.21 -1.58
C VAL D 399 43.89 7.56 -0.46
N VAL D 400 43.63 8.65 0.28
CA VAL D 400 44.57 9.03 1.33
C VAL D 400 44.62 7.97 2.43
N CYS D 401 43.56 7.17 2.59
CA CYS D 401 43.61 6.14 3.61
C CYS D 401 44.27 4.87 3.10
N TRP D 402 43.96 4.45 1.87
CA TRP D 402 44.43 3.13 1.44
C TRP D 402 45.76 3.16 0.69
N PHE D 403 46.07 4.26 0.00
CA PHE D 403 47.33 4.33 -0.75
C PHE D 403 48.58 4.13 0.10
N PRO D 404 48.71 4.71 1.30
CA PRO D 404 49.97 4.55 2.04
C PRO D 404 50.31 3.10 2.35
N PHE D 405 49.39 2.34 2.94
CA PHE D 405 49.72 0.98 3.36
C PHE D 405 50.00 0.09 2.16
N PHE D 406 49.18 0.16 1.12
CA PHE D 406 49.42 -0.67 -0.05
C PHE D 406 50.70 -0.27 -0.77
N PHE D 407 51.02 1.02 -0.79
CA PHE D 407 52.29 1.46 -1.36
C PHE D 407 53.46 0.85 -0.60
N THR D 408 53.44 0.93 0.72
CA THR D 408 54.50 0.35 1.52
C THR D 408 54.56 -1.17 1.39
N TYR D 409 53.39 -1.82 1.30
CA TYR D 409 53.32 -3.28 1.18
C TYR D 409 53.89 -3.73 -0.17
N THR D 410 53.60 -2.98 -1.23
CA THR D 410 54.18 -3.24 -2.53
C THR D 410 55.69 -3.07 -2.45
N LEU D 411 56.13 -2.03 -1.75
CA LEU D 411 57.54 -1.92 -1.43
C LEU D 411 57.95 -3.03 -0.46
N THR D 412 59.24 -3.30 -0.40
CA THR D 412 59.82 -4.31 0.48
C THR D 412 59.32 -5.71 0.15
N ALA D 413 58.50 -5.83 -0.90
CA ALA D 413 57.95 -7.12 -1.29
C ALA D 413 58.86 -7.80 -2.31
N VAL D 414 59.09 -7.16 -3.45
CA VAL D 414 60.01 -7.67 -4.45
C VAL D 414 61.11 -6.64 -4.66
N GLY D 415 60.79 -5.38 -4.41
CA GLY D 415 61.74 -4.31 -4.58
C GLY D 415 62.62 -4.13 -3.35
N CYS D 416 63.27 -2.97 -3.31
CA CYS D 416 64.15 -2.64 -2.19
C CYS D 416 63.36 -2.61 -0.89
N SER D 417 63.90 -3.26 0.14
CA SER D 417 63.21 -3.35 1.43
C SER D 417 63.69 -2.22 2.32
N VAL D 418 62.87 -1.17 2.43
CA VAL D 418 63.16 -0.07 3.34
C VAL D 418 61.92 0.19 4.20
N PRO D 419 61.62 -0.68 5.15
CA PRO D 419 60.47 -0.45 6.03
C PRO D 419 60.87 0.30 7.29
N ARG D 420 59.85 0.78 8.01
CA ARG D 420 60.06 1.51 9.25
C ARG D 420 59.00 1.08 10.26
N THR D 421 58.98 1.76 11.40
CA THR D 421 58.08 1.38 12.49
C THR D 421 56.64 1.80 12.24
N LEU D 422 56.42 2.87 11.46
CA LEU D 422 55.06 3.36 11.25
C LEU D 422 54.21 2.43 10.40
N PHE D 423 54.72 1.23 10.13
CA PHE D 423 53.97 0.26 9.37
C PHE D 423 52.70 -0.02 10.15
N LYS D 424 52.82 -0.08 11.48
CA LYS D 424 51.65 -0.31 12.32
C LYS D 424 50.59 0.74 12.08
N PHE D 425 51.00 2.01 12.00
CA PHE D 425 50.06 3.09 11.73
C PHE D 425 49.41 2.90 10.36
N PHE D 426 50.22 2.52 9.38
CA PHE D 426 49.69 2.26 8.04
C PHE D 426 48.67 1.13 8.07
N PHE D 427 48.97 0.10 8.87
CA PHE D 427 48.09 -1.03 9.03
C PHE D 427 46.75 -0.51 9.55
N TRP D 428 46.77 0.19 10.66
CA TRP D 428 45.55 0.68 11.25
C TRP D 428 44.77 1.58 10.29
N PHE D 429 45.46 2.32 9.43
CA PHE D 429 44.77 3.25 8.55
C PHE D 429 43.67 2.55 7.74
N GLY D 430 43.87 1.27 7.41
CA GLY D 430 42.84 0.56 6.68
C GLY D 430 41.56 0.40 7.48
N TYR D 431 41.69 0.03 8.76
CA TYR D 431 40.52 -0.05 9.62
C TYR D 431 39.92 1.33 9.85
N CYS D 432 40.76 2.36 9.88
CA CYS D 432 40.23 3.73 9.98
C CYS D 432 39.34 4.04 8.78
N ASN D 433 39.79 3.68 7.57
CA ASN D 433 38.98 3.89 6.39
C ASN D 433 37.71 3.06 6.43
N SER D 434 37.80 1.82 6.90
CA SER D 434 36.61 1.00 7.03
C SER D 434 35.59 1.66 7.94
N SER D 435 36.06 2.24 9.05
CA SER D 435 35.16 2.95 9.95
C SER D 435 34.56 4.18 9.28
N LEU D 436 35.43 4.94 8.60
CA LEU D 436 35.15 6.21 7.89
C LEU D 436 34.14 6.05 6.74
N ASN D 437 34.42 5.16 5.80
CA ASN D 437 33.61 5.01 4.59
C ASN D 437 32.07 5.09 4.67
N PRO D 438 31.43 4.34 5.65
CA PRO D 438 29.95 4.48 5.64
C PRO D 438 29.37 5.89 5.68
N VAL D 439 29.93 6.76 6.53
CA VAL D 439 29.44 8.14 6.66
C VAL D 439 29.57 9.02 5.41
N ILE D 440 30.70 8.90 4.73
CA ILE D 440 30.99 9.70 3.54
C ILE D 440 30.00 9.38 2.42
N TYR D 441 29.29 8.26 2.53
CA TYR D 441 28.24 7.98 1.56
C TYR D 441 26.87 8.38 2.06
N THR D 442 26.64 8.29 3.38
CA THR D 442 25.32 8.64 3.92
C THR D 442 25.09 10.13 4.01
N ILE D 443 26.15 10.94 4.14
CA ILE D 443 25.95 12.34 4.49
C ILE D 443 25.36 13.14 3.34
N PHE D 444 25.69 12.79 2.10
CA PHE D 444 25.39 13.65 0.95
C PHE D 444 24.13 13.22 0.22
N ASN D 445 23.13 12.73 0.95
CA ASN D 445 21.83 12.39 0.37
C ASN D 445 20.75 12.94 1.27
N HIS D 446 19.96 13.88 0.75
CA HIS D 446 19.03 14.62 1.58
C HIS D 446 17.97 13.72 2.21
N ASP D 447 17.37 12.83 1.41
CA ASP D 447 16.38 11.91 1.98
C ASP D 447 17.02 10.89 2.91
N PHE D 448 18.22 10.41 2.55
CA PHE D 448 18.93 9.49 3.42
C PHE D 448 19.27 10.16 4.74
N ARG D 449 19.72 11.41 4.69
CA ARG D 449 20.02 12.17 5.90
C ARG D 449 18.76 12.43 6.72
N ARG D 450 17.63 12.67 6.05
CA ARG D 450 16.38 12.86 6.78
C ARG D 450 15.95 11.59 7.50
N ALA D 451 16.12 10.44 6.84
CA ALA D 451 15.84 9.18 7.49
C ALA D 451 16.74 8.97 8.69
N PHE D 452 18.03 9.33 8.55
CA PHE D 452 18.95 9.24 9.67
C PHE D 452 18.50 10.13 10.82
N LYS D 453 18.08 11.36 10.51
CA LYS D 453 17.62 12.27 11.54
C LYS D 453 16.39 11.72 12.25
N LYS D 454 15.45 11.15 11.49
CA LYS D 454 14.26 10.58 12.09
C LYS D 454 14.61 9.41 13.00
N ILE D 455 15.52 8.54 12.56
CA ILE D 455 15.83 7.37 13.36
C ILE D 455 16.62 7.74 14.61
N LEU D 456 17.45 8.78 14.53
CA LEU D 456 18.19 9.18 15.73
C LEU D 456 17.28 9.91 16.71
N CYS D 457 16.36 10.73 16.20
CA CYS D 457 15.41 11.42 17.06
C CYS D 457 14.04 11.51 16.40
N ASP E 39 -23.05 -23.52 -14.50
CA ASP E 39 -22.57 -23.55 -13.12
C ASP E 39 -21.19 -24.19 -13.05
N VAL E 40 -20.96 -24.94 -11.97
CA VAL E 40 -19.70 -25.64 -11.74
C VAL E 40 -19.91 -27.12 -12.02
N GLN E 41 -19.03 -27.71 -12.81
CA GLN E 41 -19.12 -29.12 -13.17
C GLN E 41 -17.77 -29.78 -13.01
N LEU E 42 -17.78 -30.96 -12.39
CA LEU E 42 -16.57 -31.77 -12.21
C LEU E 42 -16.82 -33.13 -12.87
N VAL E 43 -16.15 -33.36 -14.00
CA VAL E 43 -16.29 -34.60 -14.75
C VAL E 43 -14.96 -35.34 -14.69
N GLU E 44 -14.98 -36.57 -14.20
CA GLU E 44 -13.78 -37.38 -14.07
C GLU E 44 -14.04 -38.76 -14.67
N SER E 45 -13.10 -39.21 -15.51
CA SER E 45 -13.18 -40.55 -16.09
C SER E 45 -11.75 -40.99 -16.42
N GLY E 46 -11.15 -41.77 -15.52
CA GLY E 46 -9.83 -42.31 -15.76
C GLY E 46 -9.64 -43.69 -15.17
N GLY E 47 -10.73 -44.26 -14.64
CA GLY E 47 -10.67 -45.53 -13.97
C GLY E 47 -11.09 -46.69 -14.84
N GLY E 48 -10.66 -47.88 -14.43
CA GLY E 48 -11.01 -49.09 -15.15
C GLY E 48 -10.45 -50.30 -14.43
N LEU E 49 -10.93 -51.47 -14.84
CA LEU E 49 -10.47 -52.72 -14.23
C LEU E 49 -9.02 -52.96 -14.60
N VAL E 50 -8.14 -52.95 -13.60
CA VAL E 50 -6.72 -53.15 -13.79
C VAL E 50 -6.28 -54.30 -12.90
N GLN E 51 -5.47 -55.19 -13.46
CA GLN E 51 -4.95 -56.31 -12.68
C GLN E 51 -4.06 -55.79 -11.55
N PRO E 52 -4.01 -56.50 -10.42
CA PRO E 52 -3.19 -56.04 -9.30
C PRO E 52 -1.72 -55.91 -9.71
N GLY E 53 -1.09 -54.86 -9.19
CA GLY E 53 0.28 -54.55 -9.56
C GLY E 53 0.45 -53.77 -10.84
N GLY E 54 -0.65 -53.44 -11.52
CA GLY E 54 -0.58 -52.68 -12.75
C GLY E 54 -0.48 -51.19 -12.49
N SER E 55 -0.84 -50.41 -13.50
CA SER E 55 -0.75 -48.96 -13.40
C SER E 55 -1.97 -48.33 -14.06
N ARG E 56 -2.35 -47.16 -13.57
CA ARG E 56 -3.45 -46.39 -14.13
C ARG E 56 -3.32 -44.95 -13.66
N LYS E 57 -4.00 -44.05 -14.37
CA LYS E 57 -3.99 -42.64 -14.04
C LYS E 57 -5.42 -42.14 -13.92
N LEU E 58 -5.61 -41.12 -13.08
CA LEU E 58 -6.92 -40.54 -12.82
C LEU E 58 -6.90 -39.06 -13.19
N SER E 59 -7.93 -38.63 -13.92
CA SER E 59 -8.05 -37.25 -14.37
C SER E 59 -9.42 -36.73 -13.99
N CYS E 60 -9.46 -35.67 -13.19
CA CYS E 60 -10.70 -34.99 -12.81
C CYS E 60 -10.72 -33.63 -13.51
N SER E 61 -11.64 -33.47 -14.46
CA SER E 61 -11.73 -32.24 -15.25
C SER E 61 -12.63 -31.24 -14.55
N ALA E 62 -12.16 -30.00 -14.44
CA ALA E 62 -12.86 -28.95 -13.73
C ALA E 62 -13.29 -27.86 -14.71
N SER E 63 -14.50 -27.35 -14.52
CA SER E 63 -15.02 -26.28 -15.36
C SER E 63 -16.04 -25.46 -14.57
N GLY E 64 -16.29 -24.26 -15.05
CA GLY E 64 -17.27 -23.38 -14.44
C GLY E 64 -16.78 -22.57 -13.27
N PHE E 65 -15.48 -22.57 -12.99
CA PHE E 65 -14.94 -21.79 -11.88
C PHE E 65 -13.44 -21.62 -12.09
N ALA E 66 -12.86 -20.72 -11.31
CA ALA E 66 -11.42 -20.47 -11.36
C ALA E 66 -10.69 -21.60 -10.63
N PHE E 67 -10.36 -22.66 -11.36
CA PHE E 67 -9.68 -23.79 -10.77
C PHE E 67 -8.28 -23.45 -10.28
N SER E 68 -7.63 -22.46 -10.92
CA SER E 68 -6.25 -22.15 -10.59
C SER E 68 -6.08 -21.62 -9.18
N SER E 69 -7.15 -21.18 -8.53
CA SER E 69 -7.07 -20.58 -7.22
C SER E 69 -7.69 -21.44 -6.12
N PHE E 70 -7.83 -22.74 -6.36
CA PHE E 70 -8.45 -23.63 -5.40
C PHE E 70 -7.51 -24.79 -5.04
N GLY E 71 -7.53 -25.15 -3.76
CA GLY E 71 -6.90 -26.37 -3.31
C GLY E 71 -7.82 -27.55 -3.59
N MET E 72 -7.23 -28.65 -4.02
CA MET E 72 -7.98 -29.76 -4.58
C MET E 72 -7.78 -31.01 -3.72
N HIS E 73 -8.84 -31.80 -3.60
CA HIS E 73 -8.86 -32.95 -2.70
C HIS E 73 -9.23 -34.22 -3.45
N TRP E 74 -8.71 -35.34 -2.96
CA TRP E 74 -9.07 -36.67 -3.46
C TRP E 74 -9.68 -37.48 -2.31
N VAL E 75 -10.87 -38.01 -2.55
CA VAL E 75 -11.57 -38.83 -1.56
C VAL E 75 -12.16 -40.06 -2.26
N ARG E 76 -11.92 -41.23 -1.69
CA ARG E 76 -12.45 -42.47 -2.23
C ARG E 76 -13.47 -43.08 -1.27
N GLN E 77 -14.40 -43.84 -1.84
CA GLN E 77 -15.43 -44.52 -1.07
C GLN E 77 -15.47 -45.99 -1.47
N ALA E 78 -15.46 -46.87 -0.48
CA ALA E 78 -15.50 -48.30 -0.73
C ALA E 78 -16.83 -48.68 -1.40
N PRO E 79 -16.83 -49.72 -2.23
CA PRO E 79 -18.06 -50.08 -2.95
C PRO E 79 -19.20 -50.52 -2.04
N GLU E 80 -18.91 -50.94 -0.81
CA GLU E 80 -19.94 -51.35 0.12
C GLU E 80 -20.31 -50.26 1.13
N LYS E 81 -19.31 -49.65 1.77
CA LYS E 81 -19.54 -48.63 2.79
C LYS E 81 -18.19 -48.07 3.22
N GLY E 82 -18.20 -46.82 3.66
CA GLY E 82 -17.02 -46.22 4.23
C GLY E 82 -16.51 -45.05 3.41
N LEU E 83 -15.92 -44.08 4.10
CA LEU E 83 -15.29 -42.93 3.47
C LEU E 83 -13.90 -42.73 4.06
N GLU E 84 -12.99 -42.22 3.24
CA GLU E 84 -11.64 -41.95 3.69
C GLU E 84 -11.02 -40.90 2.77
N TRP E 85 -9.99 -40.24 3.28
CA TRP E 85 -9.29 -39.19 2.55
C TRP E 85 -8.05 -39.78 1.87
N VAL E 86 -7.89 -39.48 0.59
CA VAL E 86 -6.79 -40.05 -0.18
C VAL E 86 -5.59 -39.12 -0.14
N ALA E 87 -5.73 -37.92 -0.69
CA ALA E 87 -4.63 -36.97 -0.77
C ALA E 87 -5.19 -35.58 -1.01
N TYR E 88 -4.36 -34.59 -0.70
CA TYR E 88 -4.74 -33.19 -0.88
C TYR E 88 -3.57 -32.42 -1.49
N ILE E 89 -3.89 -31.49 -2.38
CA ILE E 89 -2.90 -30.63 -3.02
C ILE E 89 -3.34 -29.19 -2.83
N SER E 90 -2.38 -28.33 -2.47
CA SER E 90 -2.68 -26.93 -2.22
C SER E 90 -3.08 -26.21 -3.51
N SER E 91 -3.70 -25.04 -3.33
CA SER E 91 -4.05 -24.22 -4.48
C SER E 91 -2.81 -23.80 -5.26
N GLY E 92 -1.78 -23.36 -4.56
CA GLY E 92 -0.51 -23.04 -5.18
C GLY E 92 0.37 -24.23 -5.44
N SER E 93 -0.08 -25.44 -5.10
CA SER E 93 0.66 -26.68 -5.27
C SER E 93 1.98 -26.67 -4.51
N GLY E 94 2.12 -25.80 -3.53
CA GLY E 94 3.30 -25.74 -2.70
C GLY E 94 3.25 -26.60 -1.47
N THR E 95 2.21 -27.39 -1.29
CA THR E 95 2.05 -28.22 -0.11
C THR E 95 1.28 -29.47 -0.49
N ILE E 96 1.81 -30.64 -0.11
CA ILE E 96 1.25 -31.92 -0.53
C ILE E 96 1.06 -32.79 0.69
N TYR E 97 0.06 -33.68 0.63
CA TYR E 97 -0.22 -34.62 1.72
C TYR E 97 -0.75 -35.92 1.13
N TYR E 98 -0.64 -36.98 1.92
CA TYR E 98 -1.13 -38.29 1.52
C TYR E 98 -1.64 -39.04 2.74
N ALA E 99 -2.45 -40.06 2.49
CA ALA E 99 -3.00 -40.87 3.58
C ALA E 99 -1.96 -41.90 4.05
N ASP E 100 -2.31 -42.60 5.13
CA ASP E 100 -1.38 -43.53 5.75
C ASP E 100 -1.00 -44.66 4.80
N THR E 101 -1.97 -45.21 4.07
CA THR E 101 -1.74 -46.33 3.17
C THR E 101 -1.61 -45.88 1.72
N VAL E 102 -1.05 -44.70 1.48
CA VAL E 102 -0.96 -44.17 0.13
C VAL E 102 0.49 -43.81 -0.17
N LYS E 103 1.28 -43.55 0.87
CA LYS E 103 2.68 -43.17 0.67
C LYS E 103 3.43 -44.24 -0.12
N GLY E 104 4.19 -43.80 -1.11
CA GLY E 104 5.01 -44.69 -1.91
C GLY E 104 4.29 -45.41 -3.03
N ARG E 105 2.98 -45.21 -3.20
CA ARG E 105 2.24 -45.93 -4.23
C ARG E 105 1.51 -44.98 -5.18
N PHE E 106 0.95 -43.89 -4.65
CA PHE E 106 0.16 -42.97 -5.43
C PHE E 106 0.74 -41.57 -5.37
N THR E 107 0.72 -40.87 -6.51
CA THR E 107 1.23 -39.51 -6.60
C THR E 107 0.17 -38.62 -7.24
N ILE E 108 0.25 -37.32 -6.93
CA ILE E 108 -0.73 -36.34 -7.36
C ILE E 108 -0.03 -35.18 -8.05
N SER E 109 -0.75 -34.53 -8.96
CA SER E 109 -0.23 -33.39 -9.71
C SER E 109 -1.37 -32.74 -10.48
N ARG E 110 -1.34 -31.41 -10.54
CA ARG E 110 -2.36 -30.65 -11.25
C ARG E 110 -1.70 -29.60 -12.13
N ASP E 111 -2.35 -29.28 -13.25
CA ASP E 111 -1.89 -28.24 -14.17
C ASP E 111 -3.01 -27.24 -14.37
N ASP E 112 -2.75 -25.98 -14.03
CA ASP E 112 -3.75 -24.93 -14.07
C ASP E 112 -4.29 -24.66 -15.48
N PRO E 113 -3.45 -24.50 -16.51
CA PRO E 113 -4.01 -24.18 -17.83
C PRO E 113 -4.94 -25.26 -18.38
N LYS E 114 -4.76 -26.51 -17.97
CA LYS E 114 -5.59 -27.60 -18.47
C LYS E 114 -6.83 -27.84 -17.63
N ASN E 115 -6.96 -27.20 -16.47
CA ASN E 115 -8.13 -27.33 -15.61
C ASN E 115 -8.42 -28.78 -15.24
N THR E 116 -7.36 -29.55 -15.01
CA THR E 116 -7.51 -30.98 -14.73
C THR E 116 -6.50 -31.38 -13.66
N LEU E 117 -6.87 -32.39 -12.87
CA LEU E 117 -6.01 -32.94 -11.84
C LEU E 117 -5.55 -34.33 -12.24
N PHE E 118 -4.26 -34.61 -12.07
CA PHE E 118 -3.67 -35.88 -12.44
C PHE E 118 -3.30 -36.66 -11.19
N LEU E 119 -3.86 -37.86 -11.06
CA LEU E 119 -3.54 -38.76 -9.95
C LEU E 119 -3.16 -40.11 -10.56
N GLN E 120 -2.00 -40.63 -10.17
CA GLN E 120 -1.44 -41.83 -10.77
C GLN E 120 -1.64 -43.03 -9.83
N MET E 121 -2.28 -44.07 -10.35
CA MET E 121 -2.48 -45.31 -9.61
C MET E 121 -1.37 -46.29 -10.00
N THR E 122 -0.46 -46.54 -9.08
CA THR E 122 0.67 -47.45 -9.30
C THR E 122 0.69 -48.58 -8.28
N SER E 123 0.88 -49.81 -8.76
CA SER E 123 0.92 -50.98 -7.89
C SER E 123 -0.37 -51.11 -7.09
N LEU E 124 -1.49 -50.98 -7.79
CA LEU E 124 -2.80 -51.08 -7.14
C LEU E 124 -3.00 -52.48 -6.57
N ARG E 125 -3.62 -52.54 -5.40
CA ARG E 125 -3.80 -53.77 -4.65
C ARG E 125 -5.24 -54.27 -4.79
N SER E 126 -5.49 -55.45 -4.22
CA SER E 126 -6.85 -55.98 -4.22
C SER E 126 -7.77 -55.15 -3.35
N GLU E 127 -7.23 -54.46 -2.34
CA GLU E 127 -8.05 -53.62 -1.47
C GLU E 127 -8.46 -52.32 -2.16
N ASP E 128 -7.78 -51.93 -3.23
CA ASP E 128 -8.01 -50.65 -3.88
C ASP E 128 -9.29 -50.62 -4.71
N THR E 129 -10.02 -51.72 -4.81
CA THR E 129 -11.24 -51.74 -5.62
C THR E 129 -12.31 -50.90 -4.94
N ALA E 130 -12.46 -49.67 -5.41
CA ALA E 130 -13.45 -48.73 -4.85
C ALA E 130 -13.62 -47.59 -5.83
N MET E 131 -14.73 -46.88 -5.69
CA MET E 131 -15.04 -45.73 -6.53
C MET E 131 -14.63 -44.44 -5.82
N TYR E 132 -14.22 -43.46 -6.61
CA TYR E 132 -13.50 -42.30 -6.10
C TYR E 132 -14.34 -41.04 -6.21
N TYR E 133 -13.77 -39.94 -5.72
CA TYR E 133 -14.40 -38.62 -5.77
C TYR E 133 -13.31 -37.55 -5.72
N CYS E 134 -13.44 -36.55 -6.59
CA CYS E 134 -12.54 -35.40 -6.58
C CYS E 134 -13.32 -34.18 -6.09
N VAL E 135 -12.81 -33.52 -5.05
CA VAL E 135 -13.51 -32.46 -4.35
C VAL E 135 -12.63 -31.22 -4.31
N ARG E 136 -13.25 -30.07 -4.60
CA ARG E 136 -12.58 -28.77 -4.56
C ARG E 136 -12.65 -28.15 -3.17
N SER E 137 -11.73 -27.23 -2.87
CA SER E 137 -11.70 -26.56 -1.58
C SER E 137 -11.00 -25.22 -1.72
N ILE E 138 -11.23 -24.36 -0.74
CA ILE E 138 -10.61 -23.03 -0.68
C ILE E 138 -10.50 -22.63 0.78
N TYR E 139 -9.45 -21.87 1.10
CA TYR E 139 -9.15 -21.54 2.49
C TYR E 139 -8.78 -20.06 2.60
N TYR E 140 -9.67 -19.28 3.20
CA TYR E 140 -9.37 -17.94 3.69
C TYR E 140 -10.36 -17.65 4.81
N TYR E 141 -10.39 -16.41 5.29
CA TYR E 141 -11.28 -16.07 6.39
C TYR E 141 -12.74 -16.19 5.92
N GLY E 142 -13.54 -16.93 6.69
CA GLY E 142 -14.92 -17.14 6.33
C GLY E 142 -15.09 -17.92 5.03
N SER E 143 -14.35 -19.01 4.89
CA SER E 143 -14.42 -19.84 3.71
C SER E 143 -15.28 -21.07 3.97
N SER E 144 -15.80 -21.66 2.89
CA SER E 144 -16.57 -22.90 2.96
C SER E 144 -15.92 -23.94 2.08
N PRO E 145 -15.00 -24.76 2.60
CA PRO E 145 -14.36 -25.77 1.77
C PRO E 145 -15.23 -26.99 1.57
N PHE E 146 -14.86 -27.80 0.58
CA PHE E 146 -15.60 -29.00 0.21
C PHE E 146 -17.06 -28.68 -0.12
N ASP E 147 -17.27 -27.55 -0.79
CA ASP E 147 -18.64 -27.12 -1.09
C ASP E 147 -19.26 -27.96 -2.20
N PHE E 148 -18.50 -28.25 -3.25
CA PHE E 148 -19.01 -28.95 -4.42
C PHE E 148 -18.22 -30.23 -4.64
N TRP E 149 -18.93 -31.32 -4.96
CA TRP E 149 -18.33 -32.63 -5.13
C TRP E 149 -18.53 -33.11 -6.56
N GLY E 150 -17.59 -33.94 -7.02
CA GLY E 150 -17.62 -34.47 -8.37
C GLY E 150 -18.55 -35.66 -8.49
N GLN E 151 -18.51 -36.27 -9.67
CA GLN E 151 -19.39 -37.41 -9.97
C GLN E 151 -18.78 -38.75 -9.58
N GLY E 152 -17.48 -38.92 -9.77
CA GLY E 152 -16.81 -40.13 -9.36
C GLY E 152 -16.51 -41.05 -10.53
N THR E 153 -15.52 -41.92 -10.32
CA THR E 153 -15.11 -42.91 -11.31
C THR E 153 -15.27 -44.31 -10.72
N THR E 154 -15.48 -45.29 -11.59
CA THR E 154 -15.60 -46.68 -11.19
C THR E 154 -14.26 -47.36 -11.37
N LEU E 155 -13.73 -47.93 -10.29
CA LEU E 155 -12.44 -48.61 -10.31
C LEU E 155 -12.59 -49.99 -9.70
N THR E 156 -12.03 -51.00 -10.38
CA THR E 156 -12.08 -52.37 -9.93
C THR E 156 -10.72 -53.02 -10.15
N VAL E 157 -10.47 -54.09 -9.40
CA VAL E 157 -9.22 -54.83 -9.50
C VAL E 157 -9.53 -56.29 -9.79
N SER E 158 -8.54 -56.98 -10.34
CA SER E 158 -8.64 -58.40 -10.66
C SER E 158 -9.83 -58.70 -11.57
N SER E 174 -0.98 -40.30 17.59
CA SER E 174 -1.92 -40.90 16.66
C SER E 174 -2.80 -39.83 16.01
N ASP E 175 -3.86 -40.25 15.34
CA ASP E 175 -4.78 -39.35 14.68
C ASP E 175 -6.19 -39.57 15.22
N ILE E 176 -6.91 -38.46 15.40
CA ILE E 176 -8.25 -38.52 15.98
C ILE E 176 -9.18 -39.30 15.05
N VAL E 177 -9.99 -40.15 15.64
CA VAL E 177 -10.97 -40.95 14.91
C VAL E 177 -12.34 -40.74 15.55
N MET E 178 -13.37 -40.65 14.71
CA MET E 178 -14.74 -40.44 15.14
C MET E 178 -15.64 -41.62 14.78
N THR E 179 -16.62 -41.89 15.63
CA THR E 179 -17.51 -43.02 15.43
C THR E 179 -18.95 -42.56 15.55
N GLN E 180 -19.83 -43.09 14.70
CA GLN E 180 -21.25 -42.80 14.73
C GLN E 180 -22.03 -44.07 15.02
N ALA E 181 -22.95 -43.99 15.98
CA ALA E 181 -23.80 -45.12 16.34
C ALA E 181 -25.09 -44.57 16.96
N THR E 182 -26.22 -45.13 16.54
CA THR E 182 -26.28 -46.20 15.56
C THR E 182 -26.31 -45.66 14.14
N SER E 183 -26.19 -46.57 13.16
CA SER E 183 -26.12 -46.21 11.76
C SER E 183 -27.48 -46.32 11.06
N SER E 184 -28.54 -46.61 11.79
CA SER E 184 -29.86 -46.76 11.17
C SER E 184 -30.93 -46.42 12.20
N VAL E 185 -31.73 -45.40 11.90
CA VAL E 185 -32.83 -45.00 12.78
C VAL E 185 -34.09 -44.80 11.94
N PRO E 186 -35.21 -45.43 12.30
CA PRO E 186 -36.46 -45.21 11.56
C PRO E 186 -37.08 -43.86 11.93
N VAL E 187 -37.44 -43.08 10.92
CA VAL E 187 -37.97 -41.74 11.11
C VAL E 187 -39.25 -41.60 10.30
N THR E 188 -40.01 -40.55 10.61
CA THR E 188 -41.25 -40.24 9.92
C THR E 188 -41.22 -38.81 9.42
N PRO E 189 -41.89 -38.52 8.31
CA PRO E 189 -41.95 -37.14 7.82
C PRO E 189 -42.68 -36.24 8.80
N GLY E 190 -42.25 -34.98 8.86
CA GLY E 190 -42.85 -34.01 9.76
C GLY E 190 -42.39 -34.10 11.19
N GLU E 191 -41.37 -34.93 11.48
CA GLU E 191 -40.85 -35.11 12.83
C GLU E 191 -39.36 -34.78 12.83
N SER E 192 -38.95 -33.98 13.80
CA SER E 192 -37.55 -33.61 13.92
C SER E 192 -36.70 -34.80 14.37
N VAL E 193 -35.44 -34.81 13.91
CA VAL E 193 -34.51 -35.88 14.24
C VAL E 193 -33.21 -35.26 14.74
N SER E 194 -32.46 -36.06 15.49
CA SER E 194 -31.18 -35.63 16.04
C SER E 194 -30.10 -36.63 15.65
N ILE E 195 -28.94 -36.11 15.24
CA ILE E 195 -27.80 -36.92 14.84
C ILE E 195 -26.59 -36.48 15.65
N SER E 196 -25.80 -37.44 16.12
CA SER E 196 -24.59 -37.16 16.87
C SER E 196 -23.44 -38.00 16.33
N CYS E 197 -22.24 -37.43 16.43
CA CYS E 197 -21.01 -38.08 15.99
C CYS E 197 -20.02 -38.07 17.14
N ARG E 198 -19.70 -39.24 17.68
CA ARG E 198 -18.77 -39.33 18.79
C ARG E 198 -17.34 -39.09 18.31
N SER E 199 -16.65 -38.18 18.96
CA SER E 199 -15.27 -37.83 18.61
C SER E 199 -14.31 -38.29 19.68
N SER E 200 -13.03 -38.33 19.31
CA SER E 200 -11.98 -38.79 20.21
C SER E 200 -11.38 -37.64 21.01
N LYS E 201 -10.84 -36.65 20.31
CA LYS E 201 -10.18 -35.51 20.95
C LYS E 201 -10.88 -34.18 20.66
N SER E 202 -10.94 -33.31 21.67
CA SER E 202 -11.60 -32.03 21.51
C SER E 202 -11.03 -31.27 20.32
N LEU E 203 -11.91 -30.73 19.49
CA LEU E 203 -11.51 -30.06 18.26
C LEU E 203 -11.55 -28.54 18.37
N LEU E 204 -11.77 -28.00 19.57
CA LEU E 204 -11.88 -26.55 19.73
C LEU E 204 -10.48 -25.97 19.81
N HIS E 205 -10.04 -25.35 18.73
CA HIS E 205 -8.74 -24.71 18.68
C HIS E 205 -8.76 -23.39 19.44
N SER E 206 -7.56 -22.86 19.70
CA SER E 206 -7.43 -21.59 20.42
C SER E 206 -8.01 -20.42 19.65
N ASN E 207 -8.24 -20.57 18.34
CA ASN E 207 -8.81 -19.49 17.55
C ASN E 207 -10.31 -19.32 17.79
N GLY E 208 -10.88 -20.02 18.76
CA GLY E 208 -12.30 -19.96 19.00
C GLY E 208 -13.15 -20.77 18.05
N ASN E 209 -12.51 -21.54 17.15
CA ASN E 209 -13.21 -22.28 16.12
C ASN E 209 -13.46 -23.72 16.57
N THR E 210 -14.24 -24.43 15.77
CA THR E 210 -14.52 -25.85 15.97
C THR E 210 -14.40 -26.53 14.61
N TYR E 211 -13.22 -27.08 14.33
CA TYR E 211 -12.90 -27.61 13.00
C TYR E 211 -13.63 -28.92 12.80
N LEU E 212 -14.86 -28.84 12.28
CA LEU E 212 -15.61 -30.04 11.95
C LEU E 212 -16.58 -29.71 10.84
N TYR E 213 -16.84 -30.70 9.98
CA TYR E 213 -17.75 -30.55 8.86
C TYR E 213 -18.65 -31.75 8.77
N TRP E 214 -19.85 -31.55 8.22
CA TRP E 214 -20.82 -32.60 8.00
C TRP E 214 -21.03 -32.80 6.51
N PHE E 215 -21.70 -33.89 6.16
CA PHE E 215 -21.98 -34.20 4.77
C PHE E 215 -23.25 -35.05 4.70
N LEU E 216 -23.85 -35.07 3.52
CA LEU E 216 -25.02 -35.90 3.26
C LEU E 216 -24.89 -36.49 1.87
N GLN E 217 -25.01 -37.81 1.78
CA GLN E 217 -24.95 -38.53 0.51
C GLN E 217 -26.35 -39.00 0.15
N ARG E 218 -26.86 -38.52 -0.98
CA ARG E 218 -28.13 -39.02 -1.47
C ARG E 218 -27.97 -40.48 -1.90
N PRO E 219 -29.05 -41.26 -1.86
CA PRO E 219 -28.93 -42.68 -2.21
C PRO E 219 -28.64 -42.87 -3.68
N GLY E 220 -27.40 -43.23 -4.00
CA GLY E 220 -26.96 -43.37 -5.37
C GLY E 220 -26.38 -42.14 -6.00
N GLN E 221 -26.37 -41.00 -5.30
CA GLN E 221 -25.86 -39.75 -5.83
C GLN E 221 -24.64 -39.30 -5.05
N SER E 222 -23.94 -38.33 -5.62
CA SER E 222 -22.72 -37.82 -4.99
C SER E 222 -23.05 -37.07 -3.71
N PRO E 223 -22.26 -37.24 -2.66
CA PRO E 223 -22.54 -36.54 -1.39
C PRO E 223 -22.28 -35.05 -1.50
N GLN E 224 -22.97 -34.30 -0.63
CA GLN E 224 -22.86 -32.85 -0.58
C GLN E 224 -22.89 -32.39 0.88
N LEU E 225 -22.49 -31.15 1.09
CA LEU E 225 -22.24 -30.63 2.43
C LEU E 225 -23.50 -30.03 3.04
N LEU E 226 -23.63 -30.16 4.36
CA LEU E 226 -24.75 -29.61 5.10
C LEU E 226 -24.32 -28.46 6.01
N ILE E 227 -23.37 -28.70 6.91
CA ILE E 227 -22.94 -27.72 7.89
C ILE E 227 -21.41 -27.65 7.84
N TYR E 228 -20.87 -26.45 7.81
CA TYR E 228 -19.43 -26.24 7.86
C TYR E 228 -19.07 -25.54 9.15
N ARG E 229 -17.98 -26.00 9.78
CA ARG E 229 -17.55 -25.53 11.10
C ARG E 229 -18.63 -25.76 12.16
N MET E 230 -19.47 -26.77 11.92
CA MET E 230 -20.47 -27.31 12.85
C MET E 230 -21.38 -26.24 13.46
N SER E 231 -21.38 -25.03 12.90
CA SER E 231 -22.23 -23.98 13.42
C SER E 231 -22.94 -23.17 12.34
N ASN E 232 -22.45 -23.13 11.10
CA ASN E 232 -22.97 -22.25 10.07
C ASN E 232 -23.86 -23.03 9.11
N LEU E 233 -24.27 -22.37 8.03
CA LEU E 233 -25.12 -22.98 7.01
C LEU E 233 -24.48 -22.80 5.65
N ALA E 234 -24.42 -23.88 4.88
CA ALA E 234 -23.89 -23.82 3.54
C ALA E 234 -24.91 -23.22 2.57
N SER E 235 -24.42 -22.76 1.43
CA SER E 235 -25.29 -22.17 0.42
C SER E 235 -26.22 -23.22 -0.17
N GLY E 236 -27.43 -22.79 -0.52
CA GLY E 236 -28.40 -23.69 -1.10
C GLY E 236 -28.94 -24.73 -0.15
N VAL E 237 -28.88 -24.47 1.14
CA VAL E 237 -29.31 -25.42 2.17
C VAL E 237 -30.52 -24.83 2.88
N PRO E 238 -31.61 -25.58 3.04
CA PRO E 238 -32.76 -25.05 3.79
C PRO E 238 -32.38 -24.73 5.23
N ASP E 239 -33.04 -23.73 5.79
CA ASP E 239 -32.74 -23.28 7.14
C ASP E 239 -33.16 -24.27 8.21
N ARG E 240 -33.89 -25.32 7.85
CA ARG E 240 -34.30 -26.31 8.84
C ARG E 240 -33.09 -26.97 9.50
N PHE E 241 -32.08 -27.31 8.72
CA PHE E 241 -30.86 -27.91 9.26
C PHE E 241 -30.14 -26.89 10.14
N SER E 242 -29.49 -27.39 11.18
CA SER E 242 -28.73 -26.54 12.08
C SER E 242 -27.75 -27.39 12.86
N GLY E 243 -26.44 -27.18 12.64
CA GLY E 243 -25.44 -27.89 13.39
C GLY E 243 -25.32 -27.38 14.81
N SER E 244 -24.78 -28.23 15.68
CA SER E 244 -24.61 -27.91 17.09
C SER E 244 -23.55 -28.82 17.67
N GLY E 245 -23.42 -28.82 18.98
CA GLY E 245 -22.49 -29.68 19.68
C GLY E 245 -21.54 -28.88 20.57
N SER E 246 -20.78 -29.63 21.36
CA SER E 246 -19.80 -29.08 22.29
C SER E 246 -18.41 -29.20 21.68
N GLY E 247 -17.38 -28.92 22.48
CA GLY E 247 -16.02 -29.02 21.99
C GLY E 247 -15.65 -30.42 21.53
N THR E 248 -16.06 -31.43 22.29
CA THR E 248 -15.79 -32.82 21.97
C THR E 248 -17.01 -33.57 21.47
N ALA E 249 -18.19 -33.26 22.00
CA ALA E 249 -19.43 -33.88 21.57
C ALA E 249 -20.10 -33.02 20.51
N PHE E 250 -20.50 -33.65 19.41
CA PHE E 250 -21.08 -32.94 18.27
C PHE E 250 -22.46 -33.48 17.99
N THR E 251 -23.43 -32.59 17.81
CA THR E 251 -24.82 -32.94 17.59
C THR E 251 -25.35 -32.23 16.36
N LEU E 252 -26.12 -32.95 15.54
CA LEU E 252 -26.77 -32.40 14.37
C LEU E 252 -28.27 -32.39 14.58
N THR E 253 -28.91 -31.28 14.23
CA THR E 253 -30.34 -31.09 14.43
C THR E 253 -31.01 -30.88 13.08
N ILE E 254 -32.06 -31.66 12.83
CA ILE E 254 -32.91 -31.49 11.65
C ILE E 254 -34.34 -31.32 12.13
N SER E 255 -34.98 -30.23 11.70
CA SER E 255 -36.36 -29.93 12.06
C SER E 255 -37.24 -30.03 10.83
N ARG E 256 -38.43 -30.60 11.00
CA ARG E 256 -39.41 -30.81 9.92
C ARG E 256 -38.88 -31.68 8.76
N LEU E 257 -38.41 -32.88 9.08
CA LEU E 257 -37.80 -33.76 8.09
C LEU E 257 -38.82 -34.12 7.02
N GLU E 258 -38.36 -34.19 5.77
CA GLU E 258 -39.21 -34.51 4.64
C GLU E 258 -38.68 -35.74 3.92
N ALA E 259 -39.43 -36.19 2.92
CA ALA E 259 -39.15 -37.45 2.23
C ALA E 259 -38.05 -37.32 1.19
N GLU E 260 -37.53 -36.11 0.95
CA GLU E 260 -36.46 -35.91 -0.02
C GLU E 260 -35.10 -35.73 0.63
N ASP E 261 -35.04 -35.66 1.95
CA ASP E 261 -33.77 -35.50 2.66
C ASP E 261 -33.23 -36.81 3.20
N VAL E 262 -33.88 -37.94 2.90
CA VAL E 262 -33.41 -39.22 3.39
C VAL E 262 -32.10 -39.59 2.70
N GLY E 263 -31.15 -40.09 3.50
CA GLY E 263 -29.85 -40.46 2.95
C GLY E 263 -28.93 -40.96 4.04
N VAL E 264 -27.64 -40.72 3.84
CA VAL E 264 -26.60 -41.14 4.78
C VAL E 264 -25.83 -39.91 5.23
N TYR E 265 -25.63 -39.78 6.54
CA TYR E 265 -24.92 -38.66 7.12
C TYR E 265 -23.49 -39.05 7.47
N TYR E 266 -22.61 -38.06 7.50
CA TYR E 266 -21.21 -38.28 7.81
C TYR E 266 -20.66 -37.08 8.57
N CYS E 267 -19.66 -37.34 9.41
CA CYS E 267 -18.97 -36.31 10.17
C CYS E 267 -17.48 -36.37 9.85
N MET E 268 -16.85 -35.20 9.77
CA MET E 268 -15.48 -35.09 9.32
C MET E 268 -14.81 -33.92 10.03
N GLN E 269 -13.55 -34.11 10.39
CA GLN E 269 -12.78 -33.11 11.14
C GLN E 269 -11.65 -32.57 10.28
N HIS E 270 -11.23 -31.34 10.59
CA HIS E 270 -10.19 -30.67 9.82
C HIS E 270 -9.15 -30.00 10.70
N LEU E 271 -9.04 -30.42 11.97
CA LEU E 271 -8.09 -29.76 12.86
C LEU E 271 -6.65 -30.09 12.52
N GLU E 272 -6.37 -31.32 12.11
CA GLU E 272 -5.00 -31.73 11.86
C GLU E 272 -4.98 -32.83 10.81
N TYR E 273 -3.97 -32.79 9.96
CA TYR E 273 -3.81 -33.82 8.96
C TYR E 273 -3.19 -35.07 9.57
N PRO E 274 -3.55 -36.26 9.10
CA PRO E 274 -4.51 -36.56 8.03
C PRO E 274 -5.96 -36.45 8.47
N LEU E 275 -6.88 -36.46 7.49
CA LEU E 275 -8.29 -36.43 7.77
C LEU E 275 -8.81 -37.83 8.11
N THR E 276 -10.10 -37.90 8.43
CA THR E 276 -10.75 -39.16 8.73
C THR E 276 -12.25 -38.96 8.63
N PHE E 277 -12.98 -40.08 8.54
CA PHE E 277 -14.42 -40.04 8.37
C PHE E 277 -15.09 -40.98 9.37
N GLY E 278 -16.31 -40.63 9.75
CA GLY E 278 -17.06 -41.44 10.67
C GLY E 278 -17.73 -42.63 9.99
N ALA E 279 -18.32 -43.49 10.83
CA ALA E 279 -19.00 -44.66 10.31
C ALA E 279 -20.18 -44.27 9.42
N GLY E 280 -20.95 -43.28 9.85
CA GLY E 280 -22.08 -42.83 9.08
C GLY E 280 -23.40 -43.38 9.63
N THR E 281 -24.48 -42.67 9.31
CA THR E 281 -25.81 -43.06 9.74
C THR E 281 -26.77 -42.95 8.56
N LYS E 282 -27.60 -43.97 8.37
CA LYS E 282 -28.57 -44.01 7.30
C LYS E 282 -29.97 -43.96 7.88
N LEU E 283 -30.87 -43.26 7.20
CA LEU E 283 -32.25 -43.10 7.62
C LEU E 283 -33.18 -43.92 6.73
N GLU E 284 -34.45 -43.97 7.11
CA GLU E 284 -35.46 -44.70 6.35
C GLU E 284 -36.81 -44.07 6.60
N LEU E 285 -37.77 -44.39 5.72
CA LEU E 285 -39.09 -43.78 5.72
C LEU E 285 -40.18 -44.78 6.06
N LYS E 286 -39.95 -45.61 7.07
CA LYS E 286 -40.93 -46.60 7.48
C LYS E 286 -42.17 -45.95 8.09
#